data_1JQS
# 
_entry.id   1JQS 
# 
_audit_conform.dict_name       mmcif_pdbx.dic 
_audit_conform.dict_version    5.386 
_audit_conform.dict_location   http://mmcif.pdb.org/dictionaries/ascii/mmcif_pdbx.dic 
# 
loop_
_database_2.database_id 
_database_2.database_code 
_database_2.pdbx_database_accession 
_database_2.pdbx_DOI 
PDB   1JQS         pdb_00001jqs 10.2210/pdb1jqs/pdb 
RCSB  RCSB014080   ?            ?                   
WWPDB D_1000014080 ?            ?                   
# 
loop_
_pdbx_audit_revision_history.ordinal 
_pdbx_audit_revision_history.data_content_type 
_pdbx_audit_revision_history.major_revision 
_pdbx_audit_revision_history.minor_revision 
_pdbx_audit_revision_history.revision_date 
1 'Structure model' 1 0 2001-09-07 
2 'Structure model' 1 1 2008-04-27 
3 'Structure model' 1 2 2011-07-13 
4 'Structure model' 1 3 2024-02-07 
# 
_pdbx_audit_revision_details.ordinal             1 
_pdbx_audit_revision_details.revision_ordinal    1 
_pdbx_audit_revision_details.data_content_type   'Structure model' 
_pdbx_audit_revision_details.provider            repository 
_pdbx_audit_revision_details.type                'Initial release' 
_pdbx_audit_revision_details.description         ? 
_pdbx_audit_revision_details.details             ? 
# 
loop_
_pdbx_audit_revision_group.ordinal 
_pdbx_audit_revision_group.revision_ordinal 
_pdbx_audit_revision_group.data_content_type 
_pdbx_audit_revision_group.group 
1 2 'Structure model' 'Version format compliance' 
2 3 'Structure model' 'Version format compliance' 
3 4 'Structure model' 'Data collection'           
4 4 'Structure model' 'Database references'       
# 
loop_
_pdbx_audit_revision_category.ordinal 
_pdbx_audit_revision_category.revision_ordinal 
_pdbx_audit_revision_category.data_content_type 
_pdbx_audit_revision_category.category 
1 4 'Structure model' chem_comp_atom 
2 4 'Structure model' chem_comp_bond 
3 4 'Structure model' database_2     
# 
loop_
_pdbx_audit_revision_item.ordinal 
_pdbx_audit_revision_item.revision_ordinal 
_pdbx_audit_revision_item.data_content_type 
_pdbx_audit_revision_item.item 
1 4 'Structure model' '_database_2.pdbx_DOI'                
2 4 'Structure model' '_database_2.pdbx_database_accession' 
# 
_pdbx_database_status.status_code                     REL 
_pdbx_database_status.entry_id                        1JQS 
_pdbx_database_status.recvd_initial_deposition_date   2001-08-07 
_pdbx_database_status.deposit_site                    RCSB 
_pdbx_database_status.process_site                    RCSB 
_pdbx_database_status.SG_entry                        . 
_pdbx_database_status.status_code_sf                  ? 
_pdbx_database_status.status_code_mr                  ? 
_pdbx_database_status.pdb_format_compatible           Y 
_pdbx_database_status.status_code_cs                  ? 
_pdbx_database_status.status_code_nmr_data            ? 
_pdbx_database_status.methods_development_category    ? 
# 
_pdbx_database_related.db_name        PDB 
_pdbx_database_related.db_id          1EG0 
_pdbx_database_related.details        
;Fitting of Components with Known Structure Into An 11.5A Cryo-EM Map Of the E.coli 
70s Ribosome
;
_pdbx_database_related.content_type   unspecified 
# 
loop_
_audit_author.name 
_audit_author.pdbx_ordinal 
'Agrawal, R.K.'  1 
'Linde, J.'      2 
'Segupta, J.'    3 
'Nierhaus, K.H.' 4 
'Frank, J.'      5 
# 
loop_
_citation.id 
_citation.title 
_citation.journal_abbrev 
_citation.journal_volume 
_citation.page_first 
_citation.page_last 
_citation.year 
_citation.journal_id_ASTM 
_citation.country 
_citation.journal_id_ISSN 
_citation.journal_id_CSD 
_citation.book_publisher 
_citation.pdbx_database_id_PubMed 
_citation.pdbx_database_id_DOI 
primary 'Localization of L11 protein on the ribosome and elucidation of its involvement in EF-G-dependent translocation.'     
J.Mol.Biol.             311 777  787  2001 JMOBAK UK 0022-2836 0070 ? 11518530 10.1006/jmbi.2001.4907          
1       'A Detailed View of a Ribosomal Active Site: The Structure of the L11-RNA Complex'                                    
'Cell(Cambridge,Mass.)' 97  491  502  1999 CELLB5 US 0092-8674 0998 ? ?        '10.1016/S0092-8674(00)80759-X' 
2       'The Crystal Structure of Elongation Factor G Complexed with GDP, at 2.7A Resolution.'                                
'Embo J.'               13  3661 3668 1994 EMJODG UK 0261-4189 0897 ? ?        ?                               
3       'Three-dimensional structure of the ribosomal translocase: Elongation factor G from Thermus thermophilus'             
'Embo J.'               13  3669 3677 1994 EMJODG UK 0261-4189 0897 ? ?        ?                               
4       'Structure of a Mutant EF-G Reveals Domain III and Possibly the Fusidic Acid Binding Site'                            
J.Mol.Biol.             303 593  603  2000 JMOBAK UK 0022-2836 0070 ? ?        10.1006/jmbi.2000.4168          
5       'EF-G-dependent GTP hydrolysis induces translocation accompanied by large conformational changes in the 70S ribosome' 
Nat.Struct.Biol.        6   643  647  1999 NSBIEW US 1072-8368 2024 ? ?        10.1038/10695                   
# 
loop_
_citation_author.citation_id 
_citation_author.name 
_citation_author.ordinal 
_citation_author.identifier_ORCID 
primary 'Agrawal, R.K.'    1  ? 
primary 'Linde, J.'        2  ? 
primary 'Sengupta, J.'     3  ? 
primary 'Nierhaus, K.H.'   4  ? 
primary 'Frank, J.'        5  ? 
1       'Wimberly, B.T.'   6  ? 
1       'Guymon, R.'       7  ? 
1       'McCutcheon, J.P.' 8  ? 
1       'White, S.W.'      9  ? 
1       'Ramakrishnan, V.' 10 ? 
2       'Czworkowski, J.'  11 ? 
2       'Wang, J.'         12 ? 
2       'Steitz, T.A.'     13 ? 
2       'Moore, P.B.'      14 ? 
3       'AEvarsson, A.'    15 ? 
3       'Brazhnikov, E.'   16 ? 
3       'Garber, M.'       17 ? 
3       'Zheltonosova, J.' 18 ? 
3       'Chirgadze, Y.'    19 ? 
3       'al-Karadaghi, S.' 20 ? 
3       'Svensson, L.A.'   21 ? 
3       'Liljas, A.'       22 ? 
4       'Laurberg, M.'     23 ? 
4       'Kristensen, O.'   24 ? 
4       'Martemyanov, K.'  25 ? 
4       'Gudkov, A.T.'     26 ? 
4       'Nagaev, I.'       27 ? 
4       'Hughes, D.'       28 ? 
4       'Liljas, A.'       29 ? 
5       'Agrawal, R.K.'    30 ? 
5       'Heagle, A.B.'     31 ? 
5       'Penczek, P.'      32 ? 
5       'Grassucci, R.A.'  33 ? 
5       'Frank, J.'        34 ? 
# 
loop_
_entity.id 
_entity.type 
_entity.src_method 
_entity.pdbx_description 
_entity.formula_weight 
_entity.pdbx_number_of_molecules 
_entity.pdbx_ec 
_entity.pdbx_mutation 
_entity.pdbx_fragment 
_entity.details 
1 polymer nat '50S Ribosomal protein L11' 14865.637 1 ? ? ?                   
'L11 from E. coli 70S ribosome modeled by crystal structure of L11 from Thermatogoma maritima'  
2 polymer nat 'Elongation Factor G'       3599.001  1 ? ? 
;part of domain G'
;
'EF-G from E. coli 70S ribosome modeled by crystal structure of EF-G from Thermus thermophilus' 
3 polymer nat 'Elongation Factor G'       7637.778  1 ? ? 'domain V'          
'EF-G from E. coli 70S ribosome modeled by crystal structure of EF-G from Thermus thermophilus' 
# 
loop_
_entity_name_com.entity_id 
_entity_name_com.name 
2 'EF-G; translation elongation factor EF-G' 
3 'EF-G; translation elongation factor EF-G' 
# 
loop_
_entity_poly.entity_id 
_entity_poly.type 
_entity_poly.nstd_linkage 
_entity_poly.nstd_monomer 
_entity_poly.pdbx_seq_one_letter_code 
_entity_poly.pdbx_seq_one_letter_code_can 
_entity_poly.pdbx_strand_id 
_entity_poly.pdbx_target_identifier 
1 'polypeptide(L)' no no 
;AKKVAAQIKLQLPAGKATPAPPVGPALGQHGVNIMEFCKRFNAETADKAGMILPVVITVYEDKSFTFIIKTPPASFLLKK
AAGIEKGSSEPKRKIVGKVTRKQIEEIAKTKMPDLNANSLEAAMKIIEGTAKSMGIEVV
;
;AKKVAAQIKLQLPAGKATPAPPVGPALGQHGVNIMEFCKRFNAETADKAGMILPVVITVYEDKSFTFIIKTPPASFLLKK
AAGIEKGSSEPKRKIVGKVTRKQIEEIAKTKMPDLNANSLEAAMKIIEGTAKSMGIEVV
;
A ? 
2 'polypeptide(L)' no no AADFDENIMLKYLEGEEPTEEELVAAIRKGTI AADFDENIMLKYLEGEEPTEEELVAAIRKGTI B ? 
3 'polypeptide(L)' no no MRVEVTTPEEYMGDVIGDLNARRGQILGMEPRGNAQVIRAFVPLAEMFGYATDLRSKTQGRGSFVMFF 
MRVEVTTPEEYMGDVIGDLNARRGQILGMEPRGNAQVIRAFVPLAEMFGYATDLRSKTQGRGSFVMFF C ? 
# 
loop_
_entity_poly_seq.entity_id 
_entity_poly_seq.num 
_entity_poly_seq.mon_id 
_entity_poly_seq.hetero 
1 1   ALA n 
1 2   LYS n 
1 3   LYS n 
1 4   VAL n 
1 5   ALA n 
1 6   ALA n 
1 7   GLN n 
1 8   ILE n 
1 9   LYS n 
1 10  LEU n 
1 11  GLN n 
1 12  LEU n 
1 13  PRO n 
1 14  ALA n 
1 15  GLY n 
1 16  LYS n 
1 17  ALA n 
1 18  THR n 
1 19  PRO n 
1 20  ALA n 
1 21  PRO n 
1 22  PRO n 
1 23  VAL n 
1 24  GLY n 
1 25  PRO n 
1 26  ALA n 
1 27  LEU n 
1 28  GLY n 
1 29  GLN n 
1 30  HIS n 
1 31  GLY n 
1 32  VAL n 
1 33  ASN n 
1 34  ILE n 
1 35  MET n 
1 36  GLU n 
1 37  PHE n 
1 38  CYS n 
1 39  LYS n 
1 40  ARG n 
1 41  PHE n 
1 42  ASN n 
1 43  ALA n 
1 44  GLU n 
1 45  THR n 
1 46  ALA n 
1 47  ASP n 
1 48  LYS n 
1 49  ALA n 
1 50  GLY n 
1 51  MET n 
1 52  ILE n 
1 53  LEU n 
1 54  PRO n 
1 55  VAL n 
1 56  VAL n 
1 57  ILE n 
1 58  THR n 
1 59  VAL n 
1 60  TYR n 
1 61  GLU n 
1 62  ASP n 
1 63  LYS n 
1 64  SER n 
1 65  PHE n 
1 66  THR n 
1 67  PHE n 
1 68  ILE n 
1 69  ILE n 
1 70  LYS n 
1 71  THR n 
1 72  PRO n 
1 73  PRO n 
1 74  ALA n 
1 75  SER n 
1 76  PHE n 
1 77  LEU n 
1 78  LEU n 
1 79  LYS n 
1 80  LYS n 
1 81  ALA n 
1 82  ALA n 
1 83  GLY n 
1 84  ILE n 
1 85  GLU n 
1 86  LYS n 
1 87  GLY n 
1 88  SER n 
1 89  SER n 
1 90  GLU n 
1 91  PRO n 
1 92  LYS n 
1 93  ARG n 
1 94  LYS n 
1 95  ILE n 
1 96  VAL n 
1 97  GLY n 
1 98  LYS n 
1 99  VAL n 
1 100 THR n 
1 101 ARG n 
1 102 LYS n 
1 103 GLN n 
1 104 ILE n 
1 105 GLU n 
1 106 GLU n 
1 107 ILE n 
1 108 ALA n 
1 109 LYS n 
1 110 THR n 
1 111 LYS n 
1 112 MET n 
1 113 PRO n 
1 114 ASP n 
1 115 LEU n 
1 116 ASN n 
1 117 ALA n 
1 118 ASN n 
1 119 SER n 
1 120 LEU n 
1 121 GLU n 
1 122 ALA n 
1 123 ALA n 
1 124 MET n 
1 125 LYS n 
1 126 ILE n 
1 127 ILE n 
1 128 GLU n 
1 129 GLY n 
1 130 THR n 
1 131 ALA n 
1 132 LYS n 
1 133 SER n 
1 134 MET n 
1 135 GLY n 
1 136 ILE n 
1 137 GLU n 
1 138 VAL n 
1 139 VAL n 
2 1   ALA n 
2 2   ALA n 
2 3   ASP n 
2 4   PHE n 
2 5   ASP n 
2 6   GLU n 
2 7   ASN n 
2 8   ILE n 
2 9   MET n 
2 10  LEU n 
2 11  LYS n 
2 12  TYR n 
2 13  LEU n 
2 14  GLU n 
2 15  GLY n 
2 16  GLU n 
2 17  GLU n 
2 18  PRO n 
2 19  THR n 
2 20  GLU n 
2 21  GLU n 
2 22  GLU n 
2 23  LEU n 
2 24  VAL n 
2 25  ALA n 
2 26  ALA n 
2 27  ILE n 
2 28  ARG n 
2 29  LYS n 
2 30  GLY n 
2 31  THR n 
2 32  ILE n 
3 1   MET n 
3 2   ARG n 
3 3   VAL n 
3 4   GLU n 
3 5   VAL n 
3 6   THR n 
3 7   THR n 
3 8   PRO n 
3 9   GLU n 
3 10  GLU n 
3 11  TYR n 
3 12  MET n 
3 13  GLY n 
3 14  ASP n 
3 15  VAL n 
3 16  ILE n 
3 17  GLY n 
3 18  ASP n 
3 19  LEU n 
3 20  ASN n 
3 21  ALA n 
3 22  ARG n 
3 23  ARG n 
3 24  GLY n 
3 25  GLN n 
3 26  ILE n 
3 27  LEU n 
3 28  GLY n 
3 29  MET n 
3 30  GLU n 
3 31  PRO n 
3 32  ARG n 
3 33  GLY n 
3 34  ASN n 
3 35  ALA n 
3 36  GLN n 
3 37  VAL n 
3 38  ILE n 
3 39  ARG n 
3 40  ALA n 
3 41  PHE n 
3 42  VAL n 
3 43  PRO n 
3 44  LEU n 
3 45  ALA n 
3 46  GLU n 
3 47  MET n 
3 48  PHE n 
3 49  GLY n 
3 50  TYR n 
3 51  ALA n 
3 52  THR n 
3 53  ASP n 
3 54  LEU n 
3 55  ARG n 
3 56  SER n 
3 57  LYS n 
3 58  THR n 
3 59  GLN n 
3 60  GLY n 
3 61  ARG n 
3 62  GLY n 
3 63  SER n 
3 64  PHE n 
3 65  VAL n 
3 66  MET n 
3 67  PHE n 
3 68  PHE n 
# 
loop_
_entity_src_nat.entity_id 
_entity_src_nat.pdbx_src_id 
_entity_src_nat.pdbx_alt_source_flag 
_entity_src_nat.pdbx_beg_seq_num 
_entity_src_nat.pdbx_end_seq_num 
_entity_src_nat.common_name 
_entity_src_nat.pdbx_organism_scientific 
_entity_src_nat.pdbx_ncbi_taxonomy_id 
_entity_src_nat.genus 
_entity_src_nat.species 
_entity_src_nat.strain 
_entity_src_nat.tissue 
_entity_src_nat.tissue_fraction 
_entity_src_nat.pdbx_secretion 
_entity_src_nat.pdbx_fragment 
_entity_src_nat.pdbx_variant 
_entity_src_nat.pdbx_cell_line 
_entity_src_nat.pdbx_atcc 
_entity_src_nat.pdbx_cellular_location 
_entity_src_nat.pdbx_organ 
_entity_src_nat.pdbx_organelle 
_entity_src_nat.pdbx_cell 
_entity_src_nat.pdbx_plasmid_name 
_entity_src_nat.pdbx_plasmid_details 
_entity_src_nat.details 
1 1 sample ? ? ? 'Escherichia coli' 562 Escherichia ? ? ? ? ? ? ? ? ? ? ? ? ? ? ? ? 
2 1 sample ? ? ? 'Escherichia coli' 562 Escherichia ? ? ? ? ? ? ? ? ? ? ? ? ? ? ? ? 
3 1 sample ? ? ? 'Escherichia coli' 562 Escherichia ? ? ? ? ? ? ? ? ? ? ? ? ? ? ? ? 
# 
loop_
_chem_comp.id 
_chem_comp.type 
_chem_comp.mon_nstd_flag 
_chem_comp.name 
_chem_comp.pdbx_synonyms 
_chem_comp.formula 
_chem_comp.formula_weight 
ALA 'L-peptide linking' y ALANINE         ? 'C3 H7 N O2'     89.093  
ARG 'L-peptide linking' y ARGININE        ? 'C6 H15 N4 O2 1' 175.209 
ASN 'L-peptide linking' y ASPARAGINE      ? 'C4 H8 N2 O3'    132.118 
ASP 'L-peptide linking' y 'ASPARTIC ACID' ? 'C4 H7 N O4'     133.103 
CYS 'L-peptide linking' y CYSTEINE        ? 'C3 H7 N O2 S'   121.158 
GLN 'L-peptide linking' y GLUTAMINE       ? 'C5 H10 N2 O3'   146.144 
GLU 'L-peptide linking' y 'GLUTAMIC ACID' ? 'C5 H9 N O4'     147.129 
GLY 'peptide linking'   y GLYCINE         ? 'C2 H5 N O2'     75.067  
HIS 'L-peptide linking' y HISTIDINE       ? 'C6 H10 N3 O2 1' 156.162 
ILE 'L-peptide linking' y ISOLEUCINE      ? 'C6 H13 N O2'    131.173 
LEU 'L-peptide linking' y LEUCINE         ? 'C6 H13 N O2'    131.173 
LYS 'L-peptide linking' y LYSINE          ? 'C6 H15 N2 O2 1' 147.195 
MET 'L-peptide linking' y METHIONINE      ? 'C5 H11 N O2 S'  149.211 
PHE 'L-peptide linking' y PHENYLALANINE   ? 'C9 H11 N O2'    165.189 
PRO 'L-peptide linking' y PROLINE         ? 'C5 H9 N O2'     115.130 
SER 'L-peptide linking' y SERINE          ? 'C3 H7 N O3'     105.093 
THR 'L-peptide linking' y THREONINE       ? 'C4 H9 N O3'     119.119 
TYR 'L-peptide linking' y TYROSINE        ? 'C9 H11 N O3'    181.189 
VAL 'L-peptide linking' y VALINE          ? 'C5 H11 N O2'    117.146 
# 
loop_
_pdbx_poly_seq_scheme.asym_id 
_pdbx_poly_seq_scheme.entity_id 
_pdbx_poly_seq_scheme.seq_id 
_pdbx_poly_seq_scheme.mon_id 
_pdbx_poly_seq_scheme.ndb_seq_num 
_pdbx_poly_seq_scheme.pdb_seq_num 
_pdbx_poly_seq_scheme.auth_seq_num 
_pdbx_poly_seq_scheme.pdb_mon_id 
_pdbx_poly_seq_scheme.auth_mon_id 
_pdbx_poly_seq_scheme.pdb_strand_id 
_pdbx_poly_seq_scheme.pdb_ins_code 
_pdbx_poly_seq_scheme.hetero 
A 1 1   ALA 1   -5  ?   ?   ?   A . n 
A 1 2   LYS 2   -4  ?   ?   ?   A . n 
A 1 3   LYS 3   -3  ?   ?   ?   A . n 
A 1 4   VAL 4   -2  ?   ?   ?   A . n 
A 1 5   ALA 5   -1  ?   ?   ?   A . n 
A 1 6   ALA 6   0   ?   ?   ?   A . n 
A 1 7   GLN 7   1   1   GLN GLN A . n 
A 1 8   ILE 8   2   2   ILE ILE A . n 
A 1 9   LYS 9   3   3   LYS LYS A . n 
A 1 10  LEU 10  4   4   LEU LEU A . n 
A 1 11  GLN 11  5   5   GLN GLN A . n 
A 1 12  LEU 12  6   6   LEU LEU A . n 
A 1 13  PRO 13  7   7   PRO PRO A . n 
A 1 14  ALA 14  8   8   ALA ALA A . n 
A 1 15  GLY 15  9   9   GLY GLY A . n 
A 1 16  LYS 16  10  10  LYS LYS A . n 
A 1 17  ALA 17  11  11  ALA ALA A . n 
A 1 18  THR 18  12  12  THR THR A . n 
A 1 19  PRO 19  13  13  PRO PRO A . n 
A 1 20  ALA 20  14  14  ALA ALA A . n 
A 1 21  PRO 21  15  15  PRO PRO A . n 
A 1 22  PRO 22  16  16  PRO PRO A . n 
A 1 23  VAL 23  17  17  VAL VAL A . n 
A 1 24  GLY 24  18  18  GLY GLY A . n 
A 1 25  PRO 25  19  19  PRO PRO A . n 
A 1 26  ALA 26  20  20  ALA ALA A . n 
A 1 27  LEU 27  21  21  LEU LEU A . n 
A 1 28  GLY 28  22  22  GLY GLY A . n 
A 1 29  GLN 29  23  23  GLN GLN A . n 
A 1 30  HIS 30  24  24  HIS HIS A . n 
A 1 31  GLY 31  25  25  GLY GLY A . n 
A 1 32  VAL 32  26  26  VAL VAL A . n 
A 1 33  ASN 33  27  27  ASN ASN A . n 
A 1 34  ILE 34  28  28  ILE ILE A . n 
A 1 35  MET 35  29  29  MET MET A . n 
A 1 36  GLU 36  30  30  GLU GLU A . n 
A 1 37  PHE 37  31  31  PHE PHE A . n 
A 1 38  CYS 38  32  32  CYS CYS A . n 
A 1 39  LYS 39  33  33  LYS LYS A . n 
A 1 40  ARG 40  34  34  ARG ARG A . n 
A 1 41  PHE 41  35  35  PHE PHE A . n 
A 1 42  ASN 42  36  36  ASN ASN A . n 
A 1 43  ALA 43  37  37  ALA ALA A . n 
A 1 44  GLU 44  38  38  GLU GLU A . n 
A 1 45  THR 45  39  39  THR THR A . n 
A 1 46  ALA 46  40  40  ALA ALA A . n 
A 1 47  ASP 47  41  41  ASP ASP A . n 
A 1 48  LYS 48  42  42  LYS LYS A . n 
A 1 49  ALA 49  43  43  ALA ALA A . n 
A 1 50  GLY 50  44  44  GLY GLY A . n 
A 1 51  MET 51  45  45  MET MET A . n 
A 1 52  ILE 52  46  46  ILE ILE A . n 
A 1 53  LEU 53  47  47  LEU LEU A . n 
A 1 54  PRO 54  48  48  PRO PRO A . n 
A 1 55  VAL 55  49  49  VAL VAL A . n 
A 1 56  VAL 56  50  50  VAL VAL A . n 
A 1 57  ILE 57  51  51  ILE ILE A . n 
A 1 58  THR 58  52  52  THR THR A . n 
A 1 59  VAL 59  53  53  VAL VAL A . n 
A 1 60  TYR 60  54  54  TYR TYR A . n 
A 1 61  GLU 61  55  55  GLU GLU A . n 
A 1 62  ASP 62  56  56  ASP ASP A . n 
A 1 63  LYS 63  57  57  LYS LYS A . n 
A 1 64  SER 64  58  58  SER SER A . n 
A 1 65  PHE 65  59  59  PHE PHE A . n 
A 1 66  THR 66  60  60  THR THR A . n 
A 1 67  PHE 67  61  61  PHE PHE A . n 
A 1 68  ILE 68  62  62  ILE ILE A . n 
A 1 69  ILE 69  63  63  ILE ILE A . n 
A 1 70  LYS 70  64  64  LYS LYS A . n 
A 1 71  THR 71  65  65  THR THR A . n 
A 1 72  PRO 72  66  66  PRO PRO A . n 
A 1 73  PRO 73  67  67  PRO PRO A . n 
A 1 74  ALA 74  68  68  ALA ALA A . n 
A 1 75  SER 75  69  69  SER SER A . n 
A 1 76  PHE 76  70  70  PHE PHE A . n 
A 1 77  LEU 77  71  71  LEU LEU A . n 
A 1 78  LEU 78  72  72  LEU LEU A . n 
A 1 79  LYS 79  73  73  LYS LYS A . n 
A 1 80  LYS 80  74  74  LYS LYS A . n 
A 1 81  ALA 81  75  75  ALA ALA A . n 
A 1 82  ALA 82  76  76  ALA ALA A . n 
A 1 83  GLY 83  77  77  GLY GLY A . n 
A 1 84  ILE 84  78  78  ILE ILE A . n 
A 1 85  GLU 85  79  79  GLU GLU A . n 
A 1 86  LYS 86  80  80  LYS LYS A . n 
A 1 87  GLY 87  81  81  GLY GLY A . n 
A 1 88  SER 88  82  82  SER SER A . n 
A 1 89  SER 89  83  83  SER SER A . n 
A 1 90  GLU 90  84  84  GLU GLU A . n 
A 1 91  PRO 91  85  85  PRO PRO A . n 
A 1 92  LYS 92  86  86  LYS LYS A . n 
A 1 93  ARG 93  87  87  ARG ARG A . n 
A 1 94  LYS 94  88  88  LYS LYS A . n 
A 1 95  ILE 95  89  89  ILE ILE A . n 
A 1 96  VAL 96  90  90  VAL VAL A . n 
A 1 97  GLY 97  91  91  GLY GLY A . n 
A 1 98  LYS 98  92  92  LYS LYS A . n 
A 1 99  VAL 99  93  93  VAL VAL A . n 
A 1 100 THR 100 94  94  THR THR A . n 
A 1 101 ARG 101 95  95  ARG ARG A . n 
A 1 102 LYS 102 96  96  LYS LYS A . n 
A 1 103 GLN 103 97  97  GLN GLN A . n 
A 1 104 ILE 104 98  98  ILE ILE A . n 
A 1 105 GLU 105 99  99  GLU GLU A . n 
A 1 106 GLU 106 100 100 GLU GLU A . n 
A 1 107 ILE 107 101 101 ILE ILE A . n 
A 1 108 ALA 108 102 102 ALA ALA A . n 
A 1 109 LYS 109 103 103 LYS LYS A . n 
A 1 110 THR 110 104 104 THR THR A . n 
A 1 111 LYS 111 105 105 LYS LYS A . n 
A 1 112 MET 112 106 106 MET MET A . n 
A 1 113 PRO 113 107 107 PRO PRO A . n 
A 1 114 ASP 114 108 108 ASP ASP A . n 
A 1 115 LEU 115 109 109 LEU LEU A . n 
A 1 116 ASN 116 110 110 ASN ASN A . n 
A 1 117 ALA 117 111 111 ALA ALA A . n 
A 1 118 ASN 118 112 112 ASN ASN A . n 
A 1 119 SER 119 113 113 SER SER A . n 
A 1 120 LEU 120 114 114 LEU LEU A . n 
A 1 121 GLU 121 115 115 GLU GLU A . n 
A 1 122 ALA 122 116 116 ALA ALA A . n 
A 1 123 ALA 123 117 117 ALA ALA A . n 
A 1 124 MET 124 118 118 MET MET A . n 
A 1 125 LYS 125 119 119 LYS LYS A . n 
A 1 126 ILE 126 120 120 ILE ILE A . n 
A 1 127 ILE 127 121 121 ILE ILE A . n 
A 1 128 GLU 128 122 122 GLU GLU A . n 
A 1 129 GLY 129 123 123 GLY GLY A . n 
A 1 130 THR 130 124 124 THR THR A . n 
A 1 131 ALA 131 125 125 ALA ALA A . n 
A 1 132 LYS 132 126 126 LYS LYS A . n 
A 1 133 SER 133 127 127 SER SER A . n 
A 1 134 MET 134 128 128 MET MET A . n 
A 1 135 GLY 135 129 129 GLY GLY A . n 
A 1 136 ILE 136 130 130 ILE ILE A . n 
A 1 137 GLU 137 131 131 GLU GLU A . n 
A 1 138 VAL 138 132 132 VAL VAL A . n 
A 1 139 VAL 139 133 133 VAL VAL A . n 
B 2 1   ALA 1   220 220 ALA ALA B . n 
B 2 2   ALA 2   221 221 ALA ALA B . n 
B 2 3   ASP 3   222 222 ASP ASP B . n 
B 2 4   PHE 4   223 223 PHE PHE B . n 
B 2 5   ASP 5   224 224 ASP ASP B . n 
B 2 6   GLU 6   225 225 GLU GLU B . n 
B 2 7   ASN 7   226 226 ASN ASN B . n 
B 2 8   ILE 8   227 227 ILE ILE B . n 
B 2 9   MET 9   228 228 MET MET B . n 
B 2 10  LEU 10  229 229 LEU LEU B . n 
B 2 11  LYS 11  230 230 LYS LYS B . n 
B 2 12  TYR 12  231 231 TYR TYR B . n 
B 2 13  LEU 13  232 232 LEU LEU B . n 
B 2 14  GLU 14  233 233 GLU GLU B . n 
B 2 15  GLY 15  234 234 GLY GLY B . n 
B 2 16  GLU 16  235 235 GLU GLU B . n 
B 2 17  GLU 17  236 236 GLU GLU B . n 
B 2 18  PRO 18  237 237 PRO PRO B . n 
B 2 19  THR 19  238 238 THR THR B . n 
B 2 20  GLU 20  239 239 GLU GLU B . n 
B 2 21  GLU 21  240 240 GLU GLU B . n 
B 2 22  GLU 22  241 241 GLU GLU B . n 
B 2 23  LEU 23  242 242 LEU LEU B . n 
B 2 24  VAL 24  243 243 VAL VAL B . n 
B 2 25  ALA 25  244 244 ALA ALA B . n 
B 2 26  ALA 26  245 245 ALA ALA B . n 
B 2 27  ILE 27  246 246 ILE ILE B . n 
B 2 28  ARG 28  247 247 ARG ARG B . n 
B 2 29  LYS 29  248 248 LYS LYS B . n 
B 2 30  GLY 30  249 249 GLY GLY B . n 
B 2 31  THR 31  250 250 THR THR B . n 
B 2 32  ILE 32  251 251 ILE ILE B . n 
C 3 1   MET 1   606 606 MET MET C . n 
C 3 2   ARG 2   607 607 ARG ARG C . n 
C 3 3   VAL 3   608 608 VAL VAL C . n 
C 3 4   GLU 4   609 609 GLU GLU C . n 
C 3 5   VAL 5   610 610 VAL VAL C . n 
C 3 6   THR 6   611 611 THR THR C . n 
C 3 7   THR 7   612 612 THR THR C . n 
C 3 8   PRO 8   613 613 PRO PRO C . n 
C 3 9   GLU 9   614 614 GLU GLU C . n 
C 3 10  GLU 10  615 615 GLU GLU C . n 
C 3 11  TYR 11  616 616 TYR TYR C . n 
C 3 12  MET 12  617 617 MET MET C . n 
C 3 13  GLY 13  618 618 GLY GLY C . n 
C 3 14  ASP 14  619 619 ASP ASP C . n 
C 3 15  VAL 15  620 620 VAL VAL C . n 
C 3 16  ILE 16  621 621 ILE ILE C . n 
C 3 17  GLY 17  622 622 GLY GLY C . n 
C 3 18  ASP 18  623 623 ASP ASP C . n 
C 3 19  LEU 19  624 624 LEU LEU C . n 
C 3 20  ASN 20  625 625 ASN ASN C . n 
C 3 21  ALA 21  626 626 ALA ALA C . n 
C 3 22  ARG 22  627 627 ARG ARG C . n 
C 3 23  ARG 23  628 628 ARG ARG C . n 
C 3 24  GLY 24  629 629 GLY GLY C . n 
C 3 25  GLN 25  630 630 GLN GLN C . n 
C 3 26  ILE 26  631 631 ILE ILE C . n 
C 3 27  LEU 27  632 632 LEU LEU C . n 
C 3 28  GLY 28  633 633 GLY GLY C . n 
C 3 29  MET 29  634 634 MET MET C . n 
C 3 30  GLU 30  635 635 GLU GLU C . n 
C 3 31  PRO 31  636 636 PRO PRO C . n 
C 3 32  ARG 32  637 637 ARG ARG C . n 
C 3 33  GLY 33  638 638 GLY GLY C . n 
C 3 34  ASN 34  639 639 ASN ASN C . n 
C 3 35  ALA 35  640 640 ALA ALA C . n 
C 3 36  GLN 36  641 641 GLN GLN C . n 
C 3 37  VAL 37  642 642 VAL VAL C . n 
C 3 38  ILE 38  643 643 ILE ILE C . n 
C 3 39  ARG 39  644 644 ARG ARG C . n 
C 3 40  ALA 40  645 645 ALA ALA C . n 
C 3 41  PHE 41  646 646 PHE PHE C . n 
C 3 42  VAL 42  647 647 VAL VAL C . n 
C 3 43  PRO 43  648 648 PRO PRO C . n 
C 3 44  LEU 44  649 649 LEU LEU C . n 
C 3 45  ALA 45  650 650 ALA ALA C . n 
C 3 46  GLU 46  651 651 GLU GLU C . n 
C 3 47  MET 47  652 652 MET MET C . n 
C 3 48  PHE 48  653 653 PHE PHE C . n 
C 3 49  GLY 49  654 654 GLY GLY C . n 
C 3 50  TYR 50  655 655 TYR TYR C . n 
C 3 51  ALA 51  656 656 ALA ALA C . n 
C 3 52  THR 52  657 657 THR THR C . n 
C 3 53  ASP 53  658 658 ASP ASP C . n 
C 3 54  LEU 54  659 659 LEU LEU C . n 
C 3 55  ARG 55  660 660 ARG ARG C . n 
C 3 56  SER 56  661 661 SER SER C . n 
C 3 57  LYS 57  662 662 LYS LYS C . n 
C 3 58  THR 58  663 663 THR THR C . n 
C 3 59  GLN 59  664 664 GLN GLN C . n 
C 3 60  GLY 60  665 665 GLY GLY C . n 
C 3 61  ARG 61  666 666 ARG ARG C . n 
C 3 62  GLY 62  667 667 GLY GLY C . n 
C 3 63  SER 63  668 668 SER SER C . n 
C 3 64  PHE 64  669 669 PHE PHE C . n 
C 3 65  VAL 65  670 670 VAL VAL C . n 
C 3 66  MET 66  671 671 MET MET C . n 
C 3 67  PHE 67  672 672 PHE PHE C . n 
C 3 68  PHE 68  673 673 PHE PHE C . n 
# 
_exptl.entry_id          1JQS 
_exptl.method            'ELECTRON MICROSCOPY' 
_exptl.crystals_number   ? 
# 
_refine_hist.pdbx_refine_id                   'ELECTRON MICROSCOPY' 
_refine_hist.cycle_id                         LAST 
_refine_hist.pdbx_number_atoms_protein        233 
_refine_hist.pdbx_number_atoms_nucleic_acid   0 
_refine_hist.pdbx_number_atoms_ligand         0 
_refine_hist.number_atoms_solvent             0 
_refine_hist.number_atoms_total               233 
_refine_hist.d_res_high                       . 
_refine_hist.d_res_low                        . 
# 
_struct.entry_id                  1JQS 
_struct.title                     
;Fitting of L11 protein and elongation factor G (domain G' and V) in the cryo-em map of E. coli 70S ribosome bound with EF-G and GMPPCP, a nonhydrolysable GTP analog
;
_struct.pdbx_model_details        ? 
_struct.pdbx_CASP_flag            ? 
_struct.pdbx_model_type_details   ? 
# 
_struct_keywords.entry_id        1JQS 
_struct_keywords.pdbx_keywords   RIBOSOME 
_struct_keywords.text            'L11, EF-G, cryo-EM, 70S E.coli ribosome, GTP state, RIBOSOME' 
# 
loop_
_struct_asym.id 
_struct_asym.pdbx_blank_PDB_chainid_flag 
_struct_asym.pdbx_modified 
_struct_asym.entity_id 
_struct_asym.details 
A N N 1 ? 
B N N 2 ? 
C N N 3 ? 
# 
loop_
_struct_ref.id 
_struct_ref.entity_id 
_struct_ref.db_name 
_struct_ref.db_code 
_struct_ref.pdbx_db_accession 
_struct_ref.pdbx_align_begin 
_struct_ref.pdbx_seq_one_letter_code 
_struct_ref.pdbx_db_isoform 
1 1 UNP RL11_THEMA P29395 1   
;AKKVAAQIKLQLPAGKATPAPPVGPALGQHGVNIMEFCKRFNAETADKAGMILPVVITVYEDKSFTFIIKTPPASFLLKK
AAGIEKGSSEPKRKIVGKVTRKQIEEIAKTKMPDLNANSLEAAMKIIEGTAKSMGIEVV
;
? 
2 2 UNP EFG_THETH  P13551 220 AADFDENIMLKYLEGEEPTEEELVAAIRKGTI ? 
3 3 UNP EFG_THETH  P13551 606 MRVEVTTPEEYMGDVIGDLNARRGQILGMEPRGNAQVIRAFVPLAEMFGYATDLRSKTQGRGSFVMFF ? 
# 
loop_
_struct_ref_seq.align_id 
_struct_ref_seq.ref_id 
_struct_ref_seq.pdbx_PDB_id_code 
_struct_ref_seq.pdbx_strand_id 
_struct_ref_seq.seq_align_beg 
_struct_ref_seq.pdbx_seq_align_beg_ins_code 
_struct_ref_seq.seq_align_end 
_struct_ref_seq.pdbx_seq_align_end_ins_code 
_struct_ref_seq.pdbx_db_accession 
_struct_ref_seq.db_align_beg 
_struct_ref_seq.pdbx_db_align_beg_ins_code 
_struct_ref_seq.db_align_end 
_struct_ref_seq.pdbx_db_align_end_ins_code 
_struct_ref_seq.pdbx_auth_seq_align_beg 
_struct_ref_seq.pdbx_auth_seq_align_end 
1 1 1JQS A 1 ? 139 ? P29395 1   ? 139 ? -5  133 
2 2 1JQS B 1 ? 32  ? P13551 220 ? 251 ? 220 251 
3 3 1JQS C 1 ? 68  ? P13551 606 ? 673 ? 606 673 
# 
_pdbx_struct_assembly.id                   1 
_pdbx_struct_assembly.details              author_defined_assembly 
_pdbx_struct_assembly.method_details       ? 
_pdbx_struct_assembly.oligomeric_details   trimeric 
_pdbx_struct_assembly.oligomeric_count     3 
# 
_pdbx_struct_assembly_gen.assembly_id       1 
_pdbx_struct_assembly_gen.oper_expression   1 
_pdbx_struct_assembly_gen.asym_id_list      A,B,C 
# 
_pdbx_struct_oper_list.id                   1 
_pdbx_struct_oper_list.type                 'identity operation' 
_pdbx_struct_oper_list.name                 1_555 
_pdbx_struct_oper_list.symmetry_operation   x,y,z 
_pdbx_struct_oper_list.matrix[1][1]         1.0000000000 
_pdbx_struct_oper_list.matrix[1][2]         0.0000000000 
_pdbx_struct_oper_list.matrix[1][3]         0.0000000000 
_pdbx_struct_oper_list.vector[1]            0.0000000000 
_pdbx_struct_oper_list.matrix[2][1]         0.0000000000 
_pdbx_struct_oper_list.matrix[2][2]         1.0000000000 
_pdbx_struct_oper_list.matrix[2][3]         0.0000000000 
_pdbx_struct_oper_list.vector[2]            0.0000000000 
_pdbx_struct_oper_list.matrix[3][1]         0.0000000000 
_pdbx_struct_oper_list.matrix[3][2]         0.0000000000 
_pdbx_struct_oper_list.matrix[3][3]         1.0000000000 
_pdbx_struct_oper_list.vector[3]            0.0000000000 
# 
_pdbx_nmr_details.entry_id   1JQS 
_pdbx_nmr_details.text       
;This structure was generated by fitting the X-ray crystal structures
of L11 and EF-G into the 70S E. coli EF-G (GTP form) bound ribosome
map. L11(linker region between N and C terminal) and EF-G positions of
domains G' and V were modeled to accommodate the conformational
changes.
;
# 
_pdbx_nmr_refine.entry_id           1JQS 
_pdbx_nmr_refine.method             'Molecular Modeling based on crystal structures' 
_pdbx_nmr_refine.details            
;Conformational changes occur in protein L11 and EF-G due to the
binding of EF-G to the 70S ribosome. These changed conformations were
modeled based on the fitting of the crystal coordinates to the low
resolution ribosome map (factor-bound) and energy minimizing the
fitted structures.
;
_pdbx_nmr_refine.software_ordinal   1 
# 
loop_
_pdbx_nmr_software.name 
_pdbx_nmr_software.version 
_pdbx_nmr_software.classification 
_pdbx_nmr_software.authors 
_pdbx_nmr_software.ordinal 
'IRIS Explorer' 3.5  'data analysis' 'Numerical Algorithms Group, Inc' 1 
O               5.10 'data analysis' 'Jones, Zou, Cowan, Kjeldgaard'   2 
SPIDER          4.48 processing      Frank                             3 
'Insight II'    1998 'data analysis' 'Biosym/MSI Inc.'                 4 
# 
_em_3d_fitting.id                1 
_em_3d_fitting.entry_id          1JQS 
_em_3d_fitting.ref_protocol      OTHER 
_em_3d_fitting.ref_space         REAL 
_em_3d_fitting.overall_b_value   ? 
_em_3d_fitting.target_criteria   'VISUAL AGREEMENT' 
_em_3d_fitting.details           
;REFINEMENT PROTOCOL--MANUAL DETAILS--This structure was generated by fitting 
the X-ray crystal structure of L11 and EF-G into the 70S E. coli EF-G (GTP 
form) bound ribosome electron microscopy map. L11 (linker region between N and 
C terminal) and EF-G positions of domains G and V were modeled to accommodate 
the conformational changes. Conformational changes occur in protein L11 and 
EF-G due to the binding of EF-G to the 70S ribosome. These changed 
conformations were modeled based on the fitting of the crystal coordinates to 
the low resolution ribosome map (factor-bound) and energy minimizing the fitted 
structures.
;
_em_3d_fitting.method            ? 
# 
_em_3d_reconstruction.entry_id                    1JQS 
_em_3d_reconstruction.id                          1 
_em_3d_reconstruction.symmetry_type               POINT 
_em_3d_reconstruction.image_processing_id         1 
_em_3d_reconstruction.method                      ? 
_em_3d_reconstruction.nominal_pixel_size          ? 
_em_3d_reconstruction.actual_pixel_size           ? 
_em_3d_reconstruction.resolution                  18 
_em_3d_reconstruction.magnification_calibration   ? 
_em_3d_reconstruction.details                     ? 
_em_3d_reconstruction.resolution_method           'FSC 0.5 CUT-OFF' 
_em_3d_reconstruction.num_class_averages          ? 
_em_3d_reconstruction.num_particles               36113 
_em_3d_reconstruction.algorithm                   ? 
# 
_em_entity_assembly.id                   1 
_em_entity_assembly.name                 'E. coli 70S ribosome bound with EF-G and GMPPCP' 
_em_entity_assembly.type                 RIBOSOME 
_em_entity_assembly.parent_id            0 
_em_entity_assembly.synonym              ? 
_em_entity_assembly.details              ? 
_em_entity_assembly.entity_id_list       ? 
_em_entity_assembly.source               ? 
_em_entity_assembly.oligomeric_details   ? 
# 
_em_image_scans.entry_id                1JQS 
_em_image_scans.id                      1 
_em_image_scans.number_digital_images   ? 
_em_image_scans.citation_id             ? 
_em_image_scans.od_range                ? 
_em_image_scans.quant_bit_size          ? 
_em_image_scans.sampling_size           ? 
_em_image_scans.scanner_model           'PERKIN ELMER' 
_em_image_scans.details                 ? 
_em_image_scans.image_recording_id      1 
_em_image_scans.dimension_height        ? 
_em_image_scans.dimension_width         ? 
_em_image_scans.frames_per_image        ? 
# 
_em_imaging.entry_id                        1JQS 
_em_imaging.id                              1 
_em_imaging.specimen_id                     1 
_em_imaging.date                            ? 
_em_imaging.temperature                     ? 
_em_imaging.microscope_model                'FEI/PHILIPS EM420' 
_em_imaging.nominal_defocus_min             ? 
_em_imaging.nominal_defocus_max             ? 
_em_imaging.tilt_angle_min                  ? 
_em_imaging.tilt_angle_max                  ? 
_em_imaging.nominal_cs                      ? 
_em_imaging.mode                            'BRIGHT FIELD' 
_em_imaging.illumination_mode               'FLOOD BEAM' 
_em_imaging.nominal_magnification           52000 
_em_imaging.calibrated_magnification        ? 
_em_imaging.electron_source                 OTHER 
_em_imaging.accelerating_voltage            . 
_em_imaging.details                         ? 
_em_imaging.specimen_holder_type            . 
_em_imaging.specimen_holder_model           'GATAN LIQUID NITROGEN' 
_em_imaging.citation_id                     ? 
_em_imaging.detector_distance               ? 
_em_imaging.recording_temperature_maximum   ? 
_em_imaging.recording_temperature_minimum   ? 
_em_imaging.astigmatism                     ? 
_em_imaging.electron_beam_tilt_params       ? 
_em_imaging.calibrated_defocus_max          ? 
_em_imaging.alignment_procedure             ? 
_em_imaging.c2_aperture_diameter            ? 
_em_imaging.calibrated_defocus_min          ? 
_em_imaging.cryogen                         ? 
_em_imaging.residual_tilt                   ? 
# 
_em_experiment.reconstruction_method   'SINGLE PARTICLE' 
_em_experiment.entry_id                1JQS 
_em_experiment.id                      1 
_em_experiment.aggregation_state       PARTICLE 
_em_experiment.entity_assembly_id      1 
# 
_em_single_particle_entity.entry_id              1JQS 
_em_single_particle_entity.id                    1 
_em_single_particle_entity.point_symmetry        C1 
_em_single_particle_entity.image_processing_id   1 
# 
loop_
_pdbx_unobs_or_zero_occ_residues.id 
_pdbx_unobs_or_zero_occ_residues.PDB_model_num 
_pdbx_unobs_or_zero_occ_residues.polymer_flag 
_pdbx_unobs_or_zero_occ_residues.occupancy_flag 
_pdbx_unobs_or_zero_occ_residues.auth_asym_id 
_pdbx_unobs_or_zero_occ_residues.auth_comp_id 
_pdbx_unobs_or_zero_occ_residues.auth_seq_id 
_pdbx_unobs_or_zero_occ_residues.PDB_ins_code 
_pdbx_unobs_or_zero_occ_residues.label_asym_id 
_pdbx_unobs_or_zero_occ_residues.label_comp_id 
_pdbx_unobs_or_zero_occ_residues.label_seq_id 
1 1 Y 1 A ALA -5 ? A ALA 1 
2 1 Y 1 A LYS -4 ? A LYS 2 
3 1 Y 1 A LYS -3 ? A LYS 3 
4 1 Y 1 A VAL -2 ? A VAL 4 
5 1 Y 1 A ALA -1 ? A ALA 5 
6 1 Y 1 A ALA 0  ? A ALA 6 
# 
loop_
_chem_comp_atom.comp_id 
_chem_comp_atom.atom_id 
_chem_comp_atom.type_symbol 
_chem_comp_atom.pdbx_aromatic_flag 
_chem_comp_atom.pdbx_stereo_config 
_chem_comp_atom.pdbx_ordinal 
ALA N    N N N 1   
ALA CA   C N S 2   
ALA C    C N N 3   
ALA O    O N N 4   
ALA CB   C N N 5   
ALA OXT  O N N 6   
ALA H    H N N 7   
ALA H2   H N N 8   
ALA HA   H N N 9   
ALA HB1  H N N 10  
ALA HB2  H N N 11  
ALA HB3  H N N 12  
ALA HXT  H N N 13  
ARG N    N N N 14  
ARG CA   C N S 15  
ARG C    C N N 16  
ARG O    O N N 17  
ARG CB   C N N 18  
ARG CG   C N N 19  
ARG CD   C N N 20  
ARG NE   N N N 21  
ARG CZ   C N N 22  
ARG NH1  N N N 23  
ARG NH2  N N N 24  
ARG OXT  O N N 25  
ARG H    H N N 26  
ARG H2   H N N 27  
ARG HA   H N N 28  
ARG HB2  H N N 29  
ARG HB3  H N N 30  
ARG HG2  H N N 31  
ARG HG3  H N N 32  
ARG HD2  H N N 33  
ARG HD3  H N N 34  
ARG HE   H N N 35  
ARG HH11 H N N 36  
ARG HH12 H N N 37  
ARG HH21 H N N 38  
ARG HH22 H N N 39  
ARG HXT  H N N 40  
ASN N    N N N 41  
ASN CA   C N S 42  
ASN C    C N N 43  
ASN O    O N N 44  
ASN CB   C N N 45  
ASN CG   C N N 46  
ASN OD1  O N N 47  
ASN ND2  N N N 48  
ASN OXT  O N N 49  
ASN H    H N N 50  
ASN H2   H N N 51  
ASN HA   H N N 52  
ASN HB2  H N N 53  
ASN HB3  H N N 54  
ASN HD21 H N N 55  
ASN HD22 H N N 56  
ASN HXT  H N N 57  
ASP N    N N N 58  
ASP CA   C N S 59  
ASP C    C N N 60  
ASP O    O N N 61  
ASP CB   C N N 62  
ASP CG   C N N 63  
ASP OD1  O N N 64  
ASP OD2  O N N 65  
ASP OXT  O N N 66  
ASP H    H N N 67  
ASP H2   H N N 68  
ASP HA   H N N 69  
ASP HB2  H N N 70  
ASP HB3  H N N 71  
ASP HD2  H N N 72  
ASP HXT  H N N 73  
CYS N    N N N 74  
CYS CA   C N R 75  
CYS C    C N N 76  
CYS O    O N N 77  
CYS CB   C N N 78  
CYS SG   S N N 79  
CYS OXT  O N N 80  
CYS H    H N N 81  
CYS H2   H N N 82  
CYS HA   H N N 83  
CYS HB2  H N N 84  
CYS HB3  H N N 85  
CYS HG   H N N 86  
CYS HXT  H N N 87  
GLN N    N N N 88  
GLN CA   C N S 89  
GLN C    C N N 90  
GLN O    O N N 91  
GLN CB   C N N 92  
GLN CG   C N N 93  
GLN CD   C N N 94  
GLN OE1  O N N 95  
GLN NE2  N N N 96  
GLN OXT  O N N 97  
GLN H    H N N 98  
GLN H2   H N N 99  
GLN HA   H N N 100 
GLN HB2  H N N 101 
GLN HB3  H N N 102 
GLN HG2  H N N 103 
GLN HG3  H N N 104 
GLN HE21 H N N 105 
GLN HE22 H N N 106 
GLN HXT  H N N 107 
GLU N    N N N 108 
GLU CA   C N S 109 
GLU C    C N N 110 
GLU O    O N N 111 
GLU CB   C N N 112 
GLU CG   C N N 113 
GLU CD   C N N 114 
GLU OE1  O N N 115 
GLU OE2  O N N 116 
GLU OXT  O N N 117 
GLU H    H N N 118 
GLU H2   H N N 119 
GLU HA   H N N 120 
GLU HB2  H N N 121 
GLU HB3  H N N 122 
GLU HG2  H N N 123 
GLU HG3  H N N 124 
GLU HE2  H N N 125 
GLU HXT  H N N 126 
GLY N    N N N 127 
GLY CA   C N N 128 
GLY C    C N N 129 
GLY O    O N N 130 
GLY OXT  O N N 131 
GLY H    H N N 132 
GLY H2   H N N 133 
GLY HA2  H N N 134 
GLY HA3  H N N 135 
GLY HXT  H N N 136 
HIS N    N N N 137 
HIS CA   C N S 138 
HIS C    C N N 139 
HIS O    O N N 140 
HIS CB   C N N 141 
HIS CG   C Y N 142 
HIS ND1  N Y N 143 
HIS CD2  C Y N 144 
HIS CE1  C Y N 145 
HIS NE2  N Y N 146 
HIS OXT  O N N 147 
HIS H    H N N 148 
HIS H2   H N N 149 
HIS HA   H N N 150 
HIS HB2  H N N 151 
HIS HB3  H N N 152 
HIS HD1  H N N 153 
HIS HD2  H N N 154 
HIS HE1  H N N 155 
HIS HE2  H N N 156 
HIS HXT  H N N 157 
ILE N    N N N 158 
ILE CA   C N S 159 
ILE C    C N N 160 
ILE O    O N N 161 
ILE CB   C N S 162 
ILE CG1  C N N 163 
ILE CG2  C N N 164 
ILE CD1  C N N 165 
ILE OXT  O N N 166 
ILE H    H N N 167 
ILE H2   H N N 168 
ILE HA   H N N 169 
ILE HB   H N N 170 
ILE HG12 H N N 171 
ILE HG13 H N N 172 
ILE HG21 H N N 173 
ILE HG22 H N N 174 
ILE HG23 H N N 175 
ILE HD11 H N N 176 
ILE HD12 H N N 177 
ILE HD13 H N N 178 
ILE HXT  H N N 179 
LEU N    N N N 180 
LEU CA   C N S 181 
LEU C    C N N 182 
LEU O    O N N 183 
LEU CB   C N N 184 
LEU CG   C N N 185 
LEU CD1  C N N 186 
LEU CD2  C N N 187 
LEU OXT  O N N 188 
LEU H    H N N 189 
LEU H2   H N N 190 
LEU HA   H N N 191 
LEU HB2  H N N 192 
LEU HB3  H N N 193 
LEU HG   H N N 194 
LEU HD11 H N N 195 
LEU HD12 H N N 196 
LEU HD13 H N N 197 
LEU HD21 H N N 198 
LEU HD22 H N N 199 
LEU HD23 H N N 200 
LEU HXT  H N N 201 
LYS N    N N N 202 
LYS CA   C N S 203 
LYS C    C N N 204 
LYS O    O N N 205 
LYS CB   C N N 206 
LYS CG   C N N 207 
LYS CD   C N N 208 
LYS CE   C N N 209 
LYS NZ   N N N 210 
LYS OXT  O N N 211 
LYS H    H N N 212 
LYS H2   H N N 213 
LYS HA   H N N 214 
LYS HB2  H N N 215 
LYS HB3  H N N 216 
LYS HG2  H N N 217 
LYS HG3  H N N 218 
LYS HD2  H N N 219 
LYS HD3  H N N 220 
LYS HE2  H N N 221 
LYS HE3  H N N 222 
LYS HZ1  H N N 223 
LYS HZ2  H N N 224 
LYS HZ3  H N N 225 
LYS HXT  H N N 226 
MET N    N N N 227 
MET CA   C N S 228 
MET C    C N N 229 
MET O    O N N 230 
MET CB   C N N 231 
MET CG   C N N 232 
MET SD   S N N 233 
MET CE   C N N 234 
MET OXT  O N N 235 
MET H    H N N 236 
MET H2   H N N 237 
MET HA   H N N 238 
MET HB2  H N N 239 
MET HB3  H N N 240 
MET HG2  H N N 241 
MET HG3  H N N 242 
MET HE1  H N N 243 
MET HE2  H N N 244 
MET HE3  H N N 245 
MET HXT  H N N 246 
PHE N    N N N 247 
PHE CA   C N S 248 
PHE C    C N N 249 
PHE O    O N N 250 
PHE CB   C N N 251 
PHE CG   C Y N 252 
PHE CD1  C Y N 253 
PHE CD2  C Y N 254 
PHE CE1  C Y N 255 
PHE CE2  C Y N 256 
PHE CZ   C Y N 257 
PHE OXT  O N N 258 
PHE H    H N N 259 
PHE H2   H N N 260 
PHE HA   H N N 261 
PHE HB2  H N N 262 
PHE HB3  H N N 263 
PHE HD1  H N N 264 
PHE HD2  H N N 265 
PHE HE1  H N N 266 
PHE HE2  H N N 267 
PHE HZ   H N N 268 
PHE HXT  H N N 269 
PRO N    N N N 270 
PRO CA   C N S 271 
PRO C    C N N 272 
PRO O    O N N 273 
PRO CB   C N N 274 
PRO CG   C N N 275 
PRO CD   C N N 276 
PRO OXT  O N N 277 
PRO H    H N N 278 
PRO HA   H N N 279 
PRO HB2  H N N 280 
PRO HB3  H N N 281 
PRO HG2  H N N 282 
PRO HG3  H N N 283 
PRO HD2  H N N 284 
PRO HD3  H N N 285 
PRO HXT  H N N 286 
SER N    N N N 287 
SER CA   C N S 288 
SER C    C N N 289 
SER O    O N N 290 
SER CB   C N N 291 
SER OG   O N N 292 
SER OXT  O N N 293 
SER H    H N N 294 
SER H2   H N N 295 
SER HA   H N N 296 
SER HB2  H N N 297 
SER HB3  H N N 298 
SER HG   H N N 299 
SER HXT  H N N 300 
THR N    N N N 301 
THR CA   C N S 302 
THR C    C N N 303 
THR O    O N N 304 
THR CB   C N R 305 
THR OG1  O N N 306 
THR CG2  C N N 307 
THR OXT  O N N 308 
THR H    H N N 309 
THR H2   H N N 310 
THR HA   H N N 311 
THR HB   H N N 312 
THR HG1  H N N 313 
THR HG21 H N N 314 
THR HG22 H N N 315 
THR HG23 H N N 316 
THR HXT  H N N 317 
TYR N    N N N 318 
TYR CA   C N S 319 
TYR C    C N N 320 
TYR O    O N N 321 
TYR CB   C N N 322 
TYR CG   C Y N 323 
TYR CD1  C Y N 324 
TYR CD2  C Y N 325 
TYR CE1  C Y N 326 
TYR CE2  C Y N 327 
TYR CZ   C Y N 328 
TYR OH   O N N 329 
TYR OXT  O N N 330 
TYR H    H N N 331 
TYR H2   H N N 332 
TYR HA   H N N 333 
TYR HB2  H N N 334 
TYR HB3  H N N 335 
TYR HD1  H N N 336 
TYR HD2  H N N 337 
TYR HE1  H N N 338 
TYR HE2  H N N 339 
TYR HH   H N N 340 
TYR HXT  H N N 341 
VAL N    N N N 342 
VAL CA   C N S 343 
VAL C    C N N 344 
VAL O    O N N 345 
VAL CB   C N N 346 
VAL CG1  C N N 347 
VAL CG2  C N N 348 
VAL OXT  O N N 349 
VAL H    H N N 350 
VAL H2   H N N 351 
VAL HA   H N N 352 
VAL HB   H N N 353 
VAL HG11 H N N 354 
VAL HG12 H N N 355 
VAL HG13 H N N 356 
VAL HG21 H N N 357 
VAL HG22 H N N 358 
VAL HG23 H N N 359 
VAL HXT  H N N 360 
# 
loop_
_chem_comp_bond.comp_id 
_chem_comp_bond.atom_id_1 
_chem_comp_bond.atom_id_2 
_chem_comp_bond.value_order 
_chem_comp_bond.pdbx_aromatic_flag 
_chem_comp_bond.pdbx_stereo_config 
_chem_comp_bond.pdbx_ordinal 
ALA N   CA   sing N N 1   
ALA N   H    sing N N 2   
ALA N   H2   sing N N 3   
ALA CA  C    sing N N 4   
ALA CA  CB   sing N N 5   
ALA CA  HA   sing N N 6   
ALA C   O    doub N N 7   
ALA C   OXT  sing N N 8   
ALA CB  HB1  sing N N 9   
ALA CB  HB2  sing N N 10  
ALA CB  HB3  sing N N 11  
ALA OXT HXT  sing N N 12  
ARG N   CA   sing N N 13  
ARG N   H    sing N N 14  
ARG N   H2   sing N N 15  
ARG CA  C    sing N N 16  
ARG CA  CB   sing N N 17  
ARG CA  HA   sing N N 18  
ARG C   O    doub N N 19  
ARG C   OXT  sing N N 20  
ARG CB  CG   sing N N 21  
ARG CB  HB2  sing N N 22  
ARG CB  HB3  sing N N 23  
ARG CG  CD   sing N N 24  
ARG CG  HG2  sing N N 25  
ARG CG  HG3  sing N N 26  
ARG CD  NE   sing N N 27  
ARG CD  HD2  sing N N 28  
ARG CD  HD3  sing N N 29  
ARG NE  CZ   sing N N 30  
ARG NE  HE   sing N N 31  
ARG CZ  NH1  sing N N 32  
ARG CZ  NH2  doub N N 33  
ARG NH1 HH11 sing N N 34  
ARG NH1 HH12 sing N N 35  
ARG NH2 HH21 sing N N 36  
ARG NH2 HH22 sing N N 37  
ARG OXT HXT  sing N N 38  
ASN N   CA   sing N N 39  
ASN N   H    sing N N 40  
ASN N   H2   sing N N 41  
ASN CA  C    sing N N 42  
ASN CA  CB   sing N N 43  
ASN CA  HA   sing N N 44  
ASN C   O    doub N N 45  
ASN C   OXT  sing N N 46  
ASN CB  CG   sing N N 47  
ASN CB  HB2  sing N N 48  
ASN CB  HB3  sing N N 49  
ASN CG  OD1  doub N N 50  
ASN CG  ND2  sing N N 51  
ASN ND2 HD21 sing N N 52  
ASN ND2 HD22 sing N N 53  
ASN OXT HXT  sing N N 54  
ASP N   CA   sing N N 55  
ASP N   H    sing N N 56  
ASP N   H2   sing N N 57  
ASP CA  C    sing N N 58  
ASP CA  CB   sing N N 59  
ASP CA  HA   sing N N 60  
ASP C   O    doub N N 61  
ASP C   OXT  sing N N 62  
ASP CB  CG   sing N N 63  
ASP CB  HB2  sing N N 64  
ASP CB  HB3  sing N N 65  
ASP CG  OD1  doub N N 66  
ASP CG  OD2  sing N N 67  
ASP OD2 HD2  sing N N 68  
ASP OXT HXT  sing N N 69  
CYS N   CA   sing N N 70  
CYS N   H    sing N N 71  
CYS N   H2   sing N N 72  
CYS CA  C    sing N N 73  
CYS CA  CB   sing N N 74  
CYS CA  HA   sing N N 75  
CYS C   O    doub N N 76  
CYS C   OXT  sing N N 77  
CYS CB  SG   sing N N 78  
CYS CB  HB2  sing N N 79  
CYS CB  HB3  sing N N 80  
CYS SG  HG   sing N N 81  
CYS OXT HXT  sing N N 82  
GLN N   CA   sing N N 83  
GLN N   H    sing N N 84  
GLN N   H2   sing N N 85  
GLN CA  C    sing N N 86  
GLN CA  CB   sing N N 87  
GLN CA  HA   sing N N 88  
GLN C   O    doub N N 89  
GLN C   OXT  sing N N 90  
GLN CB  CG   sing N N 91  
GLN CB  HB2  sing N N 92  
GLN CB  HB3  sing N N 93  
GLN CG  CD   sing N N 94  
GLN CG  HG2  sing N N 95  
GLN CG  HG3  sing N N 96  
GLN CD  OE1  doub N N 97  
GLN CD  NE2  sing N N 98  
GLN NE2 HE21 sing N N 99  
GLN NE2 HE22 sing N N 100 
GLN OXT HXT  sing N N 101 
GLU N   CA   sing N N 102 
GLU N   H    sing N N 103 
GLU N   H2   sing N N 104 
GLU CA  C    sing N N 105 
GLU CA  CB   sing N N 106 
GLU CA  HA   sing N N 107 
GLU C   O    doub N N 108 
GLU C   OXT  sing N N 109 
GLU CB  CG   sing N N 110 
GLU CB  HB2  sing N N 111 
GLU CB  HB3  sing N N 112 
GLU CG  CD   sing N N 113 
GLU CG  HG2  sing N N 114 
GLU CG  HG3  sing N N 115 
GLU CD  OE1  doub N N 116 
GLU CD  OE2  sing N N 117 
GLU OE2 HE2  sing N N 118 
GLU OXT HXT  sing N N 119 
GLY N   CA   sing N N 120 
GLY N   H    sing N N 121 
GLY N   H2   sing N N 122 
GLY CA  C    sing N N 123 
GLY CA  HA2  sing N N 124 
GLY CA  HA3  sing N N 125 
GLY C   O    doub N N 126 
GLY C   OXT  sing N N 127 
GLY OXT HXT  sing N N 128 
HIS N   CA   sing N N 129 
HIS N   H    sing N N 130 
HIS N   H2   sing N N 131 
HIS CA  C    sing N N 132 
HIS CA  CB   sing N N 133 
HIS CA  HA   sing N N 134 
HIS C   O    doub N N 135 
HIS C   OXT  sing N N 136 
HIS CB  CG   sing N N 137 
HIS CB  HB2  sing N N 138 
HIS CB  HB3  sing N N 139 
HIS CG  ND1  sing Y N 140 
HIS CG  CD2  doub Y N 141 
HIS ND1 CE1  doub Y N 142 
HIS ND1 HD1  sing N N 143 
HIS CD2 NE2  sing Y N 144 
HIS CD2 HD2  sing N N 145 
HIS CE1 NE2  sing Y N 146 
HIS CE1 HE1  sing N N 147 
HIS NE2 HE2  sing N N 148 
HIS OXT HXT  sing N N 149 
ILE N   CA   sing N N 150 
ILE N   H    sing N N 151 
ILE N   H2   sing N N 152 
ILE CA  C    sing N N 153 
ILE CA  CB   sing N N 154 
ILE CA  HA   sing N N 155 
ILE C   O    doub N N 156 
ILE C   OXT  sing N N 157 
ILE CB  CG1  sing N N 158 
ILE CB  CG2  sing N N 159 
ILE CB  HB   sing N N 160 
ILE CG1 CD1  sing N N 161 
ILE CG1 HG12 sing N N 162 
ILE CG1 HG13 sing N N 163 
ILE CG2 HG21 sing N N 164 
ILE CG2 HG22 sing N N 165 
ILE CG2 HG23 sing N N 166 
ILE CD1 HD11 sing N N 167 
ILE CD1 HD12 sing N N 168 
ILE CD1 HD13 sing N N 169 
ILE OXT HXT  sing N N 170 
LEU N   CA   sing N N 171 
LEU N   H    sing N N 172 
LEU N   H2   sing N N 173 
LEU CA  C    sing N N 174 
LEU CA  CB   sing N N 175 
LEU CA  HA   sing N N 176 
LEU C   O    doub N N 177 
LEU C   OXT  sing N N 178 
LEU CB  CG   sing N N 179 
LEU CB  HB2  sing N N 180 
LEU CB  HB3  sing N N 181 
LEU CG  CD1  sing N N 182 
LEU CG  CD2  sing N N 183 
LEU CG  HG   sing N N 184 
LEU CD1 HD11 sing N N 185 
LEU CD1 HD12 sing N N 186 
LEU CD1 HD13 sing N N 187 
LEU CD2 HD21 sing N N 188 
LEU CD2 HD22 sing N N 189 
LEU CD2 HD23 sing N N 190 
LEU OXT HXT  sing N N 191 
LYS N   CA   sing N N 192 
LYS N   H    sing N N 193 
LYS N   H2   sing N N 194 
LYS CA  C    sing N N 195 
LYS CA  CB   sing N N 196 
LYS CA  HA   sing N N 197 
LYS C   O    doub N N 198 
LYS C   OXT  sing N N 199 
LYS CB  CG   sing N N 200 
LYS CB  HB2  sing N N 201 
LYS CB  HB3  sing N N 202 
LYS CG  CD   sing N N 203 
LYS CG  HG2  sing N N 204 
LYS CG  HG3  sing N N 205 
LYS CD  CE   sing N N 206 
LYS CD  HD2  sing N N 207 
LYS CD  HD3  sing N N 208 
LYS CE  NZ   sing N N 209 
LYS CE  HE2  sing N N 210 
LYS CE  HE3  sing N N 211 
LYS NZ  HZ1  sing N N 212 
LYS NZ  HZ2  sing N N 213 
LYS NZ  HZ3  sing N N 214 
LYS OXT HXT  sing N N 215 
MET N   CA   sing N N 216 
MET N   H    sing N N 217 
MET N   H2   sing N N 218 
MET CA  C    sing N N 219 
MET CA  CB   sing N N 220 
MET CA  HA   sing N N 221 
MET C   O    doub N N 222 
MET C   OXT  sing N N 223 
MET CB  CG   sing N N 224 
MET CB  HB2  sing N N 225 
MET CB  HB3  sing N N 226 
MET CG  SD   sing N N 227 
MET CG  HG2  sing N N 228 
MET CG  HG3  sing N N 229 
MET SD  CE   sing N N 230 
MET CE  HE1  sing N N 231 
MET CE  HE2  sing N N 232 
MET CE  HE3  sing N N 233 
MET OXT HXT  sing N N 234 
PHE N   CA   sing N N 235 
PHE N   H    sing N N 236 
PHE N   H2   sing N N 237 
PHE CA  C    sing N N 238 
PHE CA  CB   sing N N 239 
PHE CA  HA   sing N N 240 
PHE C   O    doub N N 241 
PHE C   OXT  sing N N 242 
PHE CB  CG   sing N N 243 
PHE CB  HB2  sing N N 244 
PHE CB  HB3  sing N N 245 
PHE CG  CD1  doub Y N 246 
PHE CG  CD2  sing Y N 247 
PHE CD1 CE1  sing Y N 248 
PHE CD1 HD1  sing N N 249 
PHE CD2 CE2  doub Y N 250 
PHE CD2 HD2  sing N N 251 
PHE CE1 CZ   doub Y N 252 
PHE CE1 HE1  sing N N 253 
PHE CE2 CZ   sing Y N 254 
PHE CE2 HE2  sing N N 255 
PHE CZ  HZ   sing N N 256 
PHE OXT HXT  sing N N 257 
PRO N   CA   sing N N 258 
PRO N   CD   sing N N 259 
PRO N   H    sing N N 260 
PRO CA  C    sing N N 261 
PRO CA  CB   sing N N 262 
PRO CA  HA   sing N N 263 
PRO C   O    doub N N 264 
PRO C   OXT  sing N N 265 
PRO CB  CG   sing N N 266 
PRO CB  HB2  sing N N 267 
PRO CB  HB3  sing N N 268 
PRO CG  CD   sing N N 269 
PRO CG  HG2  sing N N 270 
PRO CG  HG3  sing N N 271 
PRO CD  HD2  sing N N 272 
PRO CD  HD3  sing N N 273 
PRO OXT HXT  sing N N 274 
SER N   CA   sing N N 275 
SER N   H    sing N N 276 
SER N   H2   sing N N 277 
SER CA  C    sing N N 278 
SER CA  CB   sing N N 279 
SER CA  HA   sing N N 280 
SER C   O    doub N N 281 
SER C   OXT  sing N N 282 
SER CB  OG   sing N N 283 
SER CB  HB2  sing N N 284 
SER CB  HB3  sing N N 285 
SER OG  HG   sing N N 286 
SER OXT HXT  sing N N 287 
THR N   CA   sing N N 288 
THR N   H    sing N N 289 
THR N   H2   sing N N 290 
THR CA  C    sing N N 291 
THR CA  CB   sing N N 292 
THR CA  HA   sing N N 293 
THR C   O    doub N N 294 
THR C   OXT  sing N N 295 
THR CB  OG1  sing N N 296 
THR CB  CG2  sing N N 297 
THR CB  HB   sing N N 298 
THR OG1 HG1  sing N N 299 
THR CG2 HG21 sing N N 300 
THR CG2 HG22 sing N N 301 
THR CG2 HG23 sing N N 302 
THR OXT HXT  sing N N 303 
TYR N   CA   sing N N 304 
TYR N   H    sing N N 305 
TYR N   H2   sing N N 306 
TYR CA  C    sing N N 307 
TYR CA  CB   sing N N 308 
TYR CA  HA   sing N N 309 
TYR C   O    doub N N 310 
TYR C   OXT  sing N N 311 
TYR CB  CG   sing N N 312 
TYR CB  HB2  sing N N 313 
TYR CB  HB3  sing N N 314 
TYR CG  CD1  doub Y N 315 
TYR CG  CD2  sing Y N 316 
TYR CD1 CE1  sing Y N 317 
TYR CD1 HD1  sing N N 318 
TYR CD2 CE2  doub Y N 319 
TYR CD2 HD2  sing N N 320 
TYR CE1 CZ   doub Y N 321 
TYR CE1 HE1  sing N N 322 
TYR CE2 CZ   sing Y N 323 
TYR CE2 HE2  sing N N 324 
TYR CZ  OH   sing N N 325 
TYR OH  HH   sing N N 326 
TYR OXT HXT  sing N N 327 
VAL N   CA   sing N N 328 
VAL N   H    sing N N 329 
VAL N   H2   sing N N 330 
VAL CA  C    sing N N 331 
VAL CA  CB   sing N N 332 
VAL CA  HA   sing N N 333 
VAL C   O    doub N N 334 
VAL C   OXT  sing N N 335 
VAL CB  CG1  sing N N 336 
VAL CB  CG2  sing N N 337 
VAL CB  HB   sing N N 338 
VAL CG1 HG11 sing N N 339 
VAL CG1 HG12 sing N N 340 
VAL CG1 HG13 sing N N 341 
VAL CG2 HG21 sing N N 342 
VAL CG2 HG22 sing N N 343 
VAL CG2 HG23 sing N N 344 
VAL OXT HXT  sing N N 345 
# 
_em_image_processing.id                   1 
_em_image_processing.image_recording_id   1 
_em_image_processing.details              ? 
# 
_em_image_recording.id                            1 
_em_image_recording.imaging_id                    1 
_em_image_recording.film_or_detector_model        'GENERIC FILM' 
_em_image_recording.avg_electron_dose_per_image   10 
_em_image_recording.average_exposure_time         ? 
_em_image_recording.details                       ? 
_em_image_recording.num_grids_imaged              ? 
_em_image_recording.num_diffraction_images        ? 
_em_image_recording.num_real_images               ? 
_em_image_recording.detector_mode                 ? 
# 
_em_particle_selection.details                  ? 
_em_particle_selection.id                       1 
_em_particle_selection.image_processing_id      1 
_em_particle_selection.method                   ? 
_em_particle_selection.num_particles_selected   36113 
_em_particle_selection.reference_model          ? 
# 
_em_specimen.experiment_id           1 
_em_specimen.id                      1 
_em_specimen.concentration           ? 
_em_specimen.vitrification_applied   YES 
_em_specimen.staining_applied        NO 
_em_specimen.embedding_applied       NO 
_em_specimen.shadowing_applied       NO 
_em_specimen.details                 ? 
# 
loop_
_pdbx_coordinate_model.asym_id 
_pdbx_coordinate_model.type 
A 'CA ATOMS ONLY' 
B 'CA ATOMS ONLY' 
C 'CA ATOMS ONLY' 
# 
_atom_sites.entry_id                    1JQS 
_atom_sites.fract_transf_matrix[1][1]   1.000000 
_atom_sites.fract_transf_matrix[1][2]   0.000000 
_atom_sites.fract_transf_matrix[1][3]   0.000000 
_atom_sites.fract_transf_matrix[2][1]   0.000000 
_atom_sites.fract_transf_matrix[2][2]   1.000000 
_atom_sites.fract_transf_matrix[2][3]   0.000000 
_atom_sites.fract_transf_matrix[3][1]   0.000000 
_atom_sites.fract_transf_matrix[3][2]   0.000000 
_atom_sites.fract_transf_matrix[3][3]   1.000000 
_atom_sites.fract_transf_vector[1]      0.00000 
_atom_sites.fract_transf_vector[2]      0.00000 
_atom_sites.fract_transf_vector[3]      0.00000 
# 
_atom_type.symbol   C 
# 
loop_
_atom_site.group_PDB 
_atom_site.id 
_atom_site.type_symbol 
_atom_site.label_atom_id 
_atom_site.label_alt_id 
_atom_site.label_comp_id 
_atom_site.label_asym_id 
_atom_site.label_entity_id 
_atom_site.label_seq_id 
_atom_site.pdbx_PDB_ins_code 
_atom_site.Cartn_x 
_atom_site.Cartn_y 
_atom_site.Cartn_z 
_atom_site.occupancy 
_atom_site.B_iso_or_equiv 
_atom_site.pdbx_formal_charge 
_atom_site.auth_seq_id 
_atom_site.auth_comp_id 
_atom_site.auth_asym_id 
_atom_site.auth_atom_id 
_atom_site.pdbx_PDB_model_num 
ATOM 1   C CA . GLN A 1 7   ? -2.876  13.928  -6.551  1.00 79.42  ? 1   GLN A CA 1 
ATOM 2   C CA . ILE A 1 8   ? -4.085  10.313  -6.008  1.00 80.39  ? 2   ILE A CA 1 
ATOM 3   C CA . LYS A 1 9   ? -7.149  8.390   -4.704  1.00 77.55  ? 3   LYS A CA 1 
ATOM 4   C CA . LEU A 1 10  ? -7.512  5.057   -2.820  1.00 77.13  ? 4   LEU A CA 1 
ATOM 5   C CA . GLN A 1 11  ? -10.013 3.327   -0.458  1.00 82.10  ? 5   GLN A CA 1 
ATOM 6   C CA . LEU A 1 12  ? -8.320  2.811   2.944   1.00 79.90  ? 6   LEU A CA 1 
ATOM 7   C CA . PRO A 1 13  ? -9.679  0.946   6.016   1.00 76.54  ? 7   PRO A CA 1 
ATOM 8   C CA . ALA A 1 14  ? -10.216 3.453   8.900   1.00 82.83  ? 8   ALA A CA 1 
ATOM 9   C CA . GLY A 1 15  ? -8.030  2.991   12.027  1.00 98.24  ? 9   GLY A CA 1 
ATOM 10  C CA . LYS A 1 16  ? -5.618  0.610   10.274  1.00 98.41  ? 10  LYS A CA 1 
ATOM 11  C CA . ALA A 1 17  ? -2.985  1.676   7.698   1.00 96.77  ? 11  ALA A CA 1 
ATOM 12  C CA . THR A 1 18  ? 0.739   0.991   6.849   1.00 98.62  ? 12  THR A CA 1 
ATOM 13  C CA . PRO A 1 19  ? 0.657   -2.370  4.911   1.00 100.00 ? 13  PRO A CA 1 
ATOM 14  C CA . ALA A 1 20  ? 2.309   -2.466  1.483   1.00 100.00 ? 14  ALA A CA 1 
ATOM 15  C CA . PRO A 1 21  ? -0.154  -4.065  -1.053  1.00 100.00 ? 15  PRO A CA 1 
ATOM 16  C CA . PRO A 1 22  ? -3.088  -1.823  0.087   1.00 100.00 ? 16  PRO A CA 1 
ATOM 17  C CA . VAL A 1 23  ? -1.101  1.369   0.910   1.00 95.98  ? 17  VAL A CA 1 
ATOM 18  C CA . GLY A 1 24  ? 2.711   1.596   0.641   1.00 94.07  ? 18  GLY A CA 1 
ATOM 19  C CA . PRO A 1 25  ? 3.895   1.375   -3.043  1.00 93.06  ? 19  PRO A CA 1 
ATOM 20  C CA . ALA A 1 26  ? 0.640   2.775   -4.533  1.00 96.04  ? 20  ALA A CA 1 
ATOM 21  C CA . LEU A 1 27  ? 1.081   6.393   -3.335  1.00 92.03  ? 21  LEU A CA 1 
ATOM 22  C CA . GLY A 1 28  ? 4.675   5.911   -2.057  1.00 88.78  ? 22  GLY A CA 1 
ATOM 23  C CA . GLN A 1 29  ? 6.072   5.934   -5.624  1.00 91.11  ? 23  GLN A CA 1 
ATOM 24  C CA . HIS A 1 30  ? 4.722   9.507   -6.093  1.00 94.53  ? 24  HIS A CA 1 
ATOM 25  C CA . GLY A 1 31  ? 6.764   10.490  -2.986  1.00 90.69  ? 25  GLY A CA 1 
ATOM 26  C CA . VAL A 1 32  ? 4.346   10.257  -0.012  1.00 90.50  ? 26  VAL A CA 1 
ATOM 27  C CA . ASN A 1 33  ? 5.938   9.824   3.441   1.00 94.89  ? 27  ASN A CA 1 
ATOM 28  C CA . ILE A 1 34  ? 3.955   6.659   4.309   1.00 97.32  ? 28  ILE A CA 1 
ATOM 29  C CA . MET A 1 35  ? 4.317   6.757   8.129   1.00 99.82  ? 29  MET A CA 1 
ATOM 30  C CA . GLU A 1 36  ? 3.072   10.358  8.430   1.00 92.68  ? 30  GLU A CA 1 
ATOM 31  C CA . PHE A 1 37  ? 0.003   9.614   6.265   1.00 95.14  ? 31  PHE A CA 1 
ATOM 32  C CA . CYS A 1 38  ? -0.871  6.444   8.217   1.00 95.64  ? 32  CYS A CA 1 
ATOM 33  C CA . LYS A 1 39  ? -0.837  8.117   11.647  1.00 96.22  ? 33  LYS A CA 1 
ATOM 34  C CA . ARG A 1 40  ? -2.631  11.289  10.428  1.00 89.97  ? 34  ARG A CA 1 
ATOM 35  C CA . PHE A 1 41  ? -5.325  9.206   8.647   1.00 82.17  ? 35  PHE A CA 1 
ATOM 36  C CA . ASN A 1 42  ? -5.914  6.777   11.554  1.00 86.52  ? 36  ASN A CA 1 
ATOM 37  C CA . ALA A 1 43  ? -6.402  9.724   13.977  1.00 84.79  ? 37  ALA A CA 1 
ATOM 38  C CA . GLU A 1 44  ? -9.532  11.375  12.484  1.00 90.10  ? 38  GLU A CA 1 
ATOM 39  C CA . THR A 1 45  ? -10.883 8.097   11.009  1.00 91.97  ? 39  THR A CA 1 
ATOM 40  C CA . ALA A 1 46  ? -11.260 6.892   14.639  1.00 93.30  ? 40  ALA A CA 1 
ATOM 41  C CA . ASP A 1 47  ? -14.438 9.060   14.503  1.00 100.00 ? 41  ASP A CA 1 
ATOM 42  C CA . LYS A 1 48  ? -15.772 6.671   11.806  1.00 99.10  ? 42  LYS A CA 1 
ATOM 43  C CA . ALA A 1 49  ? -14.009 3.533   13.104  1.00 93.02  ? 43  ALA A CA 1 
ATOM 44  C CA . GLY A 1 50  ? -14.072 0.217   11.194  1.00 90.09  ? 44  GLY A CA 1 
ATOM 45  C CA . MET A 1 51  ? -15.883 1.659   8.136   1.00 88.05  ? 45  MET A CA 1 
ATOM 46  C CA . ILE A 1 52  ? -13.487 1.985   5.144   1.00 76.40  ? 46  ILE A CA 1 
ATOM 47  C CA . LEU A 1 53  ? -13.256 5.237   3.108   1.00 75.31  ? 47  LEU A CA 1 
ATOM 48  C CA . PRO A 1 54  ? -11.720 6.846   -0.024  1.00 73.63  ? 48  PRO A CA 1 
ATOM 49  C CA . VAL A 1 55  ? -9.144  9.529   0.770   1.00 70.19  ? 49  VAL A CA 1 
ATOM 50  C CA . VAL A 1 56  ? -7.789  11.972  -1.843  1.00 73.93  ? 50  VAL A CA 1 
ATOM 51  C CA . ILE A 1 57  ? -4.073  12.610  -1.166  1.00 77.59  ? 51  ILE A CA 1 
ATOM 52  C CA . THR A 1 58  ? -2.839  15.930  -2.622  1.00 82.77  ? 52  THR A CA 1 
ATOM 53  C CA . VAL A 1 59  ? 0.977   15.795  -2.836  1.00 85.45  ? 53  VAL A CA 1 
ATOM 54  C CA . TYR A 1 60  ? 3.129   18.919  -3.285  1.00 88.03  ? 54  TYR A CA 1 
ATOM 55  C CA . GLU A 1 61  ? 6.529   19.341  -4.995  1.00 86.30  ? 55  GLU A CA 1 
ATOM 56  C CA . ASP A 1 62  ? 8.344   19.291  -1.596  1.00 83.65  ? 56  ASP A CA 1 
ATOM 57  C CA . LYS A 1 63  ? 6.882   15.790  -0.837  1.00 89.76  ? 57  LYS A CA 1 
ATOM 58  C CA . SER A 1 64  ? 4.492   17.275  1.776   1.00 87.60  ? 58  SER A CA 1 
ATOM 59  C CA . PHE A 1 65  ? 0.742   16.548  1.459   1.00 86.65  ? 59  PHE A CA 1 
ATOM 60  C CA . THR A 1 66  ? -2.803  17.168  2.754   1.00 79.66  ? 60  THR A CA 1 
ATOM 61  C CA . PHE A 1 67  ? -6.012  15.145  2.161   1.00 76.33  ? 61  PHE A CA 1 
ATOM 62  C CA . ILE A 1 68  ? -9.832  14.910  2.489   1.00 70.90  ? 62  ILE A CA 1 
ATOM 63  C CA . ILE A 1 69  ? -12.095 12.031  3.664   1.00 65.88  ? 63  ILE A CA 1 
ATOM 64  C CA . LYS A 1 70  ? -15.195 10.243  2.177   1.00 49.56  ? 64  LYS A CA 1 
ATOM 65  C CA . THR A 1 71  ? -17.375 7.084   2.659   1.00 48.54  ? 65  THR A CA 1 
ATOM 66  C CA . PRO A 1 72  ? -17.156 3.192   2.779   1.00 39.98  ? 66  PRO A CA 1 
ATOM 67  C CA . PRO A 1 73  ? -18.032 0.307   0.365   1.00 35.21  ? 67  PRO A CA 1 
ATOM 68  C CA . ALA A 1 74  ? -21.369 -1.556  0.479   1.00 29.59  ? 68  ALA A CA 1 
ATOM 69  C CA . SER A 1 75  ? -20.217 -5.119  1.297   1.00 31.31  ? 69  SER A CA 1 
ATOM 70  C CA . PHE A 1 76  ? -18.152 -4.151  4.387   1.00 34.16  ? 70  PHE A CA 1 
ATOM 71  C CA . LEU A 1 77  ? -21.141 -2.210  5.769   1.00 42.01  ? 71  LEU A CA 1 
ATOM 72  C CA . LEU A 1 78  ? -23.505 -5.164  5.119   1.00 34.91  ? 72  LEU A CA 1 
ATOM 73  C CA . LYS A 1 79  ? -21.133 -7.653  6.858   1.00 38.30  ? 73  LYS A CA 1 
ATOM 74  C CA . LYS A 1 80  ? -20.898 -5.318  9.894   1.00 38.23  ? 74  LYS A CA 1 
ATOM 75  C CA . ALA A 1 81  ? -24.626 -4.350  9.900   1.00 43.40  ? 75  ALA A CA 1 
ATOM 76  C CA . ALA A 1 82  ? -25.815 -7.982  9.791   1.00 44.61  ? 76  ALA A CA 1 
ATOM 77  C CA . GLY A 1 83  ? -23.342 -8.554  12.668  1.00 37.87  ? 77  GLY A CA 1 
ATOM 78  C CA . ILE A 1 84  ? -21.444 -11.313 10.823  1.00 37.65  ? 78  ILE A CA 1 
ATOM 79  C CA . GLU A 1 85  ? -17.698 -11.681 10.242  1.00 47.13  ? 79  GLU A CA 1 
ATOM 80  C CA . LYS A 1 86  ? -18.031 -13.067 6.685   1.00 38.76  ? 80  LYS A CA 1 
ATOM 81  C CA . GLY A 1 87  ? -20.632 -13.497 3.914   1.00 33.53  ? 81  GLY A CA 1 
ATOM 82  C CA . SER A 1 88  ? -22.104 -16.727 2.500   1.00 31.79  ? 82  SER A CA 1 
ATOM 83  C CA . SER A 1 89  ? -20.086 -19.544 0.901   1.00 35.62  ? 83  SER A CA 1 
ATOM 84  C CA . GLU A 1 90  ? -23.107 -20.008 -1.405  1.00 38.55  ? 84  GLU A CA 1 
ATOM 85  C CA . PRO A 1 91  ? -25.294 -16.827 -1.471  1.00 37.71  ? 85  PRO A CA 1 
ATOM 86  C CA . LYS A 1 92  ? -29.095 -17.358 -1.876  1.00 36.65  ? 86  LYS A CA 1 
ATOM 87  C CA . ARG A 1 93  ? -28.753 -21.150 -1.331  1.00 29.80  ? 87  ARG A CA 1 
ATOM 88  C CA . LYS A 1 94  ? -27.342 -20.335 2.137   1.00 30.94  ? 88  LYS A CA 1 
ATOM 89  C CA . ILE A 1 95  ? -28.384 -17.174 4.025   1.00 31.34  ? 89  ILE A CA 1 
ATOM 90  C CA . VAL A 1 96  ? -25.830 -16.334 6.760   1.00 29.74  ? 90  VAL A CA 1 
ATOM 91  C CA . GLY A 1 97  ? -27.336 -13.057 8.060   1.00 35.16  ? 91  GLY A CA 1 
ATOM 92  C CA . LYS A 1 98  ? -29.991 -10.365 7.615   1.00 40.57  ? 92  LYS A CA 1 
ATOM 93  C CA . VAL A 1 99  ? -30.419 -6.579  7.938   1.00 41.33  ? 93  VAL A CA 1 
ATOM 94  C CA . THR A 1 100 ? -33.510 -4.384  8.279   1.00 42.43  ? 94  THR A CA 1 
ATOM 95  C CA . ARG A 1 101 ? -34.779 -2.347  5.304   1.00 49.44  ? 95  ARG A CA 1 
ATOM 96  C CA . LYS A 1 102 ? -33.963 0.578   7.658   1.00 51.76  ? 96  LYS A CA 1 
ATOM 97  C CA . GLN A 1 103 ? -30.306 -0.567  7.895   1.00 44.08  ? 97  GLN A CA 1 
ATOM 98  C CA . ILE A 1 104 ? -30.370 -0.659  4.058   1.00 35.57  ? 98  ILE A CA 1 
ATOM 99  C CA . GLU A 1 105 ? -31.485 3.023   4.266   1.00 53.52  ? 99  GLU A CA 1 
ATOM 100 C CA . GLU A 1 106 ? -28.552 3.832   6.627   1.00 52.07  ? 100 GLU A CA 1 
ATOM 101 C CA . ILE A 1 107 ? -26.014 2.061   4.369   1.00 39.41  ? 101 ILE A CA 1 
ATOM 102 C CA . ALA A 1 108 ? -27.502 3.868   1.325   1.00 42.41  ? 102 ALA A CA 1 
ATOM 103 C CA . LYS A 1 109 ? -27.185 7.202   3.221   1.00 44.59  ? 103 LYS A CA 1 
ATOM 104 C CA . THR A 1 110 ? -23.499 6.483   3.935   1.00 42.63  ? 104 THR A CA 1 
ATOM 105 C CA . LYS A 1 111 ? -22.738 5.327   0.365   1.00 42.77  ? 105 LYS A CA 1 
ATOM 106 C CA . MET A 1 112 ? -24.769 8.170   -1.315  1.00 41.26  ? 106 MET A CA 1 
ATOM 107 C CA . PRO A 1 113 ? -21.857 10.515  -2.399  1.00 29.51  ? 107 PRO A CA 1 
ATOM 108 C CA . ASP A 1 114 ? -20.058 7.602   -4.142  1.00 36.41  ? 108 ASP A CA 1 
ATOM 109 C CA . LEU A 1 115 ? -23.331 6.403   -5.778  1.00 33.57  ? 109 LEU A CA 1 
ATOM 110 C CA . ASN A 1 116 ? -24.637 7.618   -9.134  1.00 33.28  ? 110 ASN A CA 1 
ATOM 111 C CA . ALA A 1 117 ? -28.158 6.957   -7.652  1.00 41.18  ? 111 ALA A CA 1 
ATOM 112 C CA . ASN A 1 118 ? -30.380 10.042  -8.052  1.00 42.41  ? 112 ASN A CA 1 
ATOM 113 C CA . SER A 1 119 ? -33.109 8.814   -5.652  1.00 43.86  ? 113 SER A CA 1 
ATOM 114 C CA . LEU A 1 120 ? -32.909 7.267   -2.163  1.00 44.83  ? 114 LEU A CA 1 
ATOM 115 C CA . GLU A 1 121 ? -35.105 4.383   -3.400  1.00 47.46  ? 115 GLU A CA 1 
ATOM 116 C CA . ALA A 1 122 ? -32.520 3.721   -6.137  1.00 38.97  ? 116 ALA A CA 1 
ATOM 117 C CA . ALA A 1 123 ? -29.652 4.031   -3.618  1.00 36.26  ? 117 ALA A CA 1 
ATOM 118 C CA . MET A 1 124 ? -31.231 1.380   -1.335  1.00 34.84  ? 118 MET A CA 1 
ATOM 119 C CA . LYS A 1 125 ? -31.823 -0.892  -4.367  1.00 28.15  ? 119 LYS A CA 1 
ATOM 120 C CA . ILE A 1 126 ? -28.051 -0.777  -5.198  1.00 29.89  ? 120 ILE A CA 1 
ATOM 121 C CA . ILE A 1 127 ? -27.201 -1.922  -1.639  1.00 27.70  ? 121 ILE A CA 1 
ATOM 122 C CA . GLU A 1 128 ? -29.938 -4.614  -1.819  1.00 28.43  ? 122 GLU A CA 1 
ATOM 123 C CA . GLY A 1 129 ? -28.101 -5.860  -4.942  1.00 21.91  ? 123 GLY A CA 1 
ATOM 124 C CA . THR A 1 130 ? -24.944 -6.316  -2.823  1.00 25.94  ? 124 THR A CA 1 
ATOM 125 C CA . ALA A 1 131 ? -26.965 -7.877  0.070   1.00 26.64  ? 125 ALA A CA 1 
ATOM 126 C CA . LYS A 1 132 ? -28.457 -10.476 -2.317  1.00 27.21  ? 126 LYS A CA 1 
ATOM 127 C CA . SER A 1 133 ? -25.036 -11.410 -3.790  1.00 33.04  ? 127 SER A CA 1 
ATOM 128 C CA . MET A 1 134 ? -23.628 -12.168 -0.266  1.00 25.82  ? 128 MET A CA 1 
ATOM 129 C CA . GLY A 1 135 ? -26.620 -14.064 1.222   1.00 22.84  ? 129 GLY A CA 1 
ATOM 130 C CA . ILE A 1 136 ? -27.870 -11.338 3.603   1.00 29.45  ? 130 ILE A CA 1 
ATOM 131 C CA . GLU A 1 137 ? -31.689 -10.994 3.631   1.00 39.24  ? 131 GLU A CA 1 
ATOM 132 C CA . VAL A 1 138 ? -33.753 -7.806  4.054   1.00 52.55  ? 132 VAL A CA 1 
ATOM 133 C CA . VAL A 1 139 ? -36.559 -7.683  6.680   1.00 58.40  ? 133 VAL A CA 1 
ATOM 134 C CA . ALA B 2 1   ? 33.062  23.979  -4.373  1.00 28.39  ? 220 ALA B CA 1 
ATOM 135 C CA . ALA B 2 2   ? 30.614  26.936  -4.267  1.00 28.39  ? 221 ALA B CA 1 
ATOM 136 C CA . ASP B 2 3   ? 27.878  24.791  -2.640  1.00 28.39  ? 222 ASP B CA 1 
ATOM 137 C CA . PHE B 2 4   ? 29.846  23.422  0.349   1.00 28.39  ? 223 PHE B CA 1 
ATOM 138 C CA . ASP B 2 5   ? 32.088  26.509  0.816   1.00 28.39  ? 224 ASP B CA 1 
ATOM 139 C CA . GLU B 2 6   ? 29.860  28.901  2.820   1.00 28.39  ? 225 GLU B CA 1 
ATOM 140 C CA . ASN B 2 7   ? 31.832  32.074  1.919   1.00 28.39  ? 226 ASN B CA 1 
ATOM 141 C CA . ILE B 2 8   ? 31.117  31.511  -1.797  1.00 28.39  ? 227 ILE B CA 1 
ATOM 142 C CA . MET B 2 9   ? 27.585  30.063  -1.259  1.00 28.39  ? 228 MET B CA 1 
ATOM 143 C CA . LEU B 2 10  ? 26.122  33.346  0.094   1.00 28.39  ? 229 LEU B CA 1 
ATOM 144 C CA . LYS B 2 11  ? 27.760  35.506  -2.637  1.00 28.39  ? 230 LYS B CA 1 
ATOM 145 C CA . TYR B 2 12  ? 26.790  33.005  -5.390  1.00 28.39  ? 231 TYR B CA 1 
ATOM 146 C CA . LEU B 2 13  ? 23.079  32.769  -4.460  1.00 28.39  ? 232 LEU B CA 1 
ATOM 147 C CA . GLU B 2 14  ? 22.857  36.551  -3.823  1.00 28.39  ? 233 GLU B CA 1 
ATOM 148 C CA . GLY B 2 15  ? 24.700  37.805  -6.948  1.00 28.39  ? 234 GLY B CA 1 
ATOM 149 C CA . GLU B 2 16  ? 28.376  38.605  -6.236  1.00 28.39  ? 235 GLU B CA 1 
ATOM 150 C CA . GLU B 2 17  ? 31.775  37.390  -7.522  1.00 28.39  ? 236 GLU B CA 1 
ATOM 151 C CA . PRO B 2 18  ? 33.871  35.623  -4.795  1.00 28.39  ? 237 PRO B CA 1 
ATOM 152 C CA . THR B 2 19  ? 37.604  36.398  -4.423  1.00 28.39  ? 238 THR B CA 1 
ATOM 153 C CA . GLU B 2 20  ? 40.584  34.378  -5.716  1.00 28.39  ? 239 GLU B CA 1 
ATOM 154 C CA . GLU B 2 21  ? 41.308  33.357  -2.086  1.00 28.39  ? 240 GLU B CA 1 
ATOM 155 C CA . GLU B 2 22  ? 37.754  31.978  -1.677  1.00 28.39  ? 241 GLU B CA 1 
ATOM 156 C CA . LEU B 2 23  ? 37.879  30.166  -5.059  1.00 28.39  ? 242 LEU B CA 1 
ATOM 157 C CA . VAL B 2 24  ? 41.279  28.449  -4.497  1.00 28.39  ? 243 VAL B CA 1 
ATOM 158 C CA . ALA B 2 25  ? 40.298  27.391  -0.937  1.00 28.39  ? 244 ALA B CA 1 
ATOM 159 C CA . ALA B 2 26  ? 36.869  26.106  -2.092  1.00 28.39  ? 245 ALA B CA 1 
ATOM 160 C CA . ILE B 2 27  ? 38.273  24.130  -5.083  1.00 28.39  ? 246 ILE B CA 1 
ATOM 161 C CA . ARG B 2 28  ? 40.818  22.478  -2.741  1.00 28.39  ? 247 ARG B CA 1 
ATOM 162 C CA . LYS B 2 29  ? 37.947  21.854  -0.258  1.00 28.39  ? 248 LYS B CA 1 
ATOM 163 C CA . GLY B 2 30  ? 35.909  20.282  -3.131  1.00 28.39  ? 249 GLY B CA 1 
ATOM 164 C CA . THR B 2 31  ? 37.727  16.940  -2.605  1.00 28.39  ? 250 THR B CA 1 
ATOM 165 C CA . ILE B 2 32  ? 37.438  16.728  1.245   1.00 28.39  ? 251 ILE B CA 1 
ATOM 166 C CA . MET C 3 1   ? 6.358   -19.775 4.747   1.00 48.99  ? 606 MET C CA 1 
ATOM 167 C CA . ARG C 3 2   ? 8.847   -17.024 4.723   1.00 48.99  ? 607 ARG C CA 1 
ATOM 168 C CA . VAL C 3 3   ? 11.053  -17.381 1.579   1.00 48.99  ? 608 VAL C CA 1 
ATOM 169 C CA . GLU C 3 4   ? 13.491  -14.439 1.167   1.00 48.99  ? 609 GLU C CA 1 
ATOM 170 C CA . VAL C 3 5   ? 15.955  -15.208 -1.649  1.00 48.99  ? 610 VAL C CA 1 
ATOM 171 C CA . THR C 3 6   ? 19.146  -13.212 -0.852  1.00 48.99  ? 611 THR C CA 1 
ATOM 172 C CA . THR C 3 7   ? 20.980  -13.025 -4.237  1.00 48.99  ? 612 THR C CA 1 
ATOM 173 C CA . PRO C 3 8   ? 23.348  -10.133 -5.209  1.00 48.99  ? 613 PRO C CA 1 
ATOM 174 C CA . GLU C 3 9   ? 22.546  -8.325  -8.499  1.00 48.99  ? 614 GLU C CA 1 
ATOM 175 C CA . GLU C 3 10  ? 22.227  -11.407 -10.800 1.00 48.99  ? 615 GLU C CA 1 
ATOM 176 C CA . TYR C 3 11  ? 18.515  -11.717 -9.810  1.00 48.99  ? 616 TYR C CA 1 
ATOM 177 C CA . MET C 3 12  ? 15.717  -11.741 -12.458 1.00 48.99  ? 617 MET C CA 1 
ATOM 178 C CA . GLY C 3 13  ? 16.170  -15.358 -13.544 1.00 48.99  ? 618 GLY C CA 1 
ATOM 179 C CA . ASP C 3 14  ? 16.057  -15.921 -9.751  1.00 48.99  ? 619 ASP C CA 1 
ATOM 180 C CA . VAL C 3 15  ? 12.830  -13.849 -9.392  1.00 48.99  ? 620 VAL C CA 1 
ATOM 181 C CA . ILE C 3 16  ? 10.975  -15.706 -12.177 1.00 48.99  ? 621 ILE C CA 1 
ATOM 182 C CA . GLY C 3 17  ? 12.704  -18.958 -11.082 1.00 48.99  ? 622 GLY C CA 1 
ATOM 183 C CA . ASP C 3 18  ? 11.087  -18.745 -7.600  1.00 48.99  ? 623 ASP C CA 1 
ATOM 184 C CA . LEU C 3 19  ? 7.669   -17.130 -8.192  1.00 48.99  ? 624 LEU C CA 1 
ATOM 185 C CA . ASN C 3 20  ? 7.013   -19.799 -10.889 1.00 48.99  ? 625 ASN C CA 1 
ATOM 186 C CA . ALA C 3 21  ? 7.303   -22.504 -8.170  1.00 48.99  ? 626 ALA C CA 1 
ATOM 187 C CA . ARG C 3 22  ? 4.501   -20.866 -6.151  1.00 48.99  ? 627 ARG C CA 1 
ATOM 188 C CA . ARG C 3 23  ? 3.141   -17.292 -6.020  1.00 48.99  ? 628 ARG C CA 1 
ATOM 189 C CA . GLY C 3 24  ? 4.902   -14.722 -3.820  1.00 48.99  ? 629 GLY C CA 1 
ATOM 190 C CA . GLN C 3 25  ? 5.280   -11.117 -5.023  1.00 48.99  ? 630 GLN C CA 1 
ATOM 191 C CA . ILE C 3 26  ? 4.992   -9.445  -1.555  1.00 48.99  ? 631 ILE C CA 1 
ATOM 192 C CA . LEU C 3 27  ? 7.462   -6.599  -2.356  1.00 48.99  ? 632 LEU C CA 1 
ATOM 193 C CA . GLY C 3 28  ? 10.078  -9.103  -3.583  1.00 48.99  ? 633 GLY C CA 1 
ATOM 194 C CA . MET C 3 29  ? 13.148  -6.806  -3.646  1.00 48.99  ? 634 MET C CA 1 
ATOM 195 C CA . GLU C 3 30  ? 15.234  -5.353  -0.777  1.00 48.99  ? 635 GLU C CA 1 
ATOM 196 C CA . PRO C 3 31  ? 18.990  -4.605  -1.262  1.00 48.99  ? 636 PRO C CA 1 
ATOM 197 C CA . ARG C 3 32  ? 20.516  -6.103  1.914   1.00 48.99  ? 637 ARG C CA 1 
ATOM 198 C CA . GLY C 3 33  ? 23.852  -4.476  1.066   1.00 48.99  ? 638 GLY C CA 1 
ATOM 199 C CA . ASN C 3 34  ? 24.684  -6.464  -2.094  1.00 48.99  ? 639 ASN C CA 1 
ATOM 200 C CA . ALA C 3 35  ? 22.284  -9.420  -1.614  1.00 48.99  ? 640 ALA C CA 1 
ATOM 201 C CA . GLN C 3 36  ? 18.822  -8.644  -3.059  1.00 48.99  ? 641 GLN C CA 1 
ATOM 202 C CA . VAL C 3 37  ? 16.250  -10.488 -0.882  1.00 48.99  ? 642 VAL C CA 1 
ATOM 203 C CA . ILE C 3 38  ? 13.332  -11.619 -3.087  1.00 48.99  ? 643 ILE C CA 1 
ATOM 204 C CA . ARG C 3 39  ? 10.493  -12.069 -0.569  1.00 48.99  ? 644 ARG C CA 1 
ATOM 205 C CA . ALA C 3 40  ? 8.075   -14.841 -1.639  1.00 48.99  ? 645 ALA C CA 1 
ATOM 206 C CA . PHE C 3 41  ? 6.433   -18.124 -0.492  1.00 48.99  ? 646 PHE C CA 1 
ATOM 207 C CA . VAL C 3 42  ? 7.358   -21.609 -1.844  1.00 48.99  ? 647 VAL C CA 1 
ATOM 208 C CA . PRO C 3 43  ? 5.680   -24.639 -0.089  1.00 48.99  ? 648 PRO C CA 1 
ATOM 209 C CA . LEU C 3 44  ? 7.115   -28.037 0.906   1.00 48.99  ? 649 LEU C CA 1 
ATOM 210 C CA . ALA C 3 45  ? 6.409   -29.900 -2.382  1.00 48.99  ? 650 ALA C CA 1 
ATOM 211 C CA . GLU C 3 46  ? 8.460   -27.324 -4.332  1.00 48.99  ? 651 GLU C CA 1 
ATOM 212 C CA . MET C 3 47  ? 11.265  -27.293 -1.698  1.00 48.99  ? 652 MET C CA 1 
ATOM 213 C CA . PHE C 3 48  ? 11.966  -30.910 -2.769  1.00 48.99  ? 653 PHE C CA 1 
ATOM 214 C CA . GLY C 3 49  ? 13.945  -29.420 -5.672  1.00 48.99  ? 654 GLY C CA 1 
ATOM 215 C CA . TYR C 3 50  ? 14.403  -25.748 -4.682  1.00 48.99  ? 655 TYR C CA 1 
ATOM 216 C CA . ALA C 3 51  ? 16.432  -26.794 -1.579  1.00 48.99  ? 656 ALA C CA 1 
ATOM 217 C CA . THR C 3 52  ? 19.206  -27.808 -4.068  1.00 48.99  ? 657 THR C CA 1 
ATOM 218 C CA . ASP C 3 53  ? 18.486  -25.808 -7.257  1.00 48.99  ? 658 ASP C CA 1 
ATOM 219 C CA . LEU C 3 54  ? 18.980  -22.289 -5.787  1.00 48.99  ? 659 LEU C CA 1 
ATOM 220 C CA . ARG C 3 55  ? 22.712  -22.684 -6.589  1.00 48.99  ? 660 ARG C CA 1 
ATOM 221 C CA . SER C 3 56  ? 21.739  -23.902 -10.102 1.00 48.99  ? 661 SER C CA 1 
ATOM 222 C CA . LYS C 3 57  ? 19.752  -20.672 -10.730 1.00 48.99  ? 662 LYS C CA 1 
ATOM 223 C CA . THR C 3 58  ? 22.033  -18.177 -8.915  1.00 48.99  ? 663 THR C CA 1 
ATOM 224 C CA . GLN C 3 59  ? 25.514  -19.758 -9.391  1.00 48.99  ? 664 GLN C CA 1 
ATOM 225 C CA . GLY C 3 60  ? 27.316  -16.939 -7.513  1.00 48.99  ? 665 GLY C CA 1 
ATOM 226 C CA . ARG C 3 61  ? 25.884  -16.916 -3.963  1.00 48.99  ? 666 ARG C CA 1 
ATOM 227 C CA . GLY C 3 62  ? 22.584  -18.848 -3.761  1.00 48.99  ? 667 GLY C CA 1 
ATOM 228 C CA . SER C 3 63  ? 21.334  -17.851 -0.278  1.00 48.99  ? 668 SER C CA 1 
ATOM 229 C CA . PHE C 3 64  ? 17.873  -17.618 1.324   1.00 48.99  ? 669 PHE C CA 1 
ATOM 230 C CA . VAL C 3 65  ? 16.100  -17.711 4.721   1.00 48.99  ? 670 VAL C CA 1 
ATOM 231 C CA . MET C 3 66  ? 12.646  -19.000 5.776   1.00 32.02  ? 671 MET C CA 1 
ATOM 232 C CA . PHE C 3 67  ? 10.688  -19.894 8.925   1.00 32.02  ? 672 PHE C CA 1 
ATOM 233 C CA . PHE C 3 68  ? 7.236   -21.208 9.918   1.00 32.02  ? 673 PHE C CA 1 
# 
